data_3IBK
# 
_entry.id   3IBK 
# 
_audit_conform.dict_name       mmcif_pdbx.dic 
_audit_conform.dict_version    5.380 
_audit_conform.dict_location   http://mmcif.pdb.org/dictionaries/ascii/mmcif_pdbx.dic 
# 
loop_
_database_2.database_id 
_database_2.database_code 
_database_2.pdbx_database_accession 
_database_2.pdbx_DOI 
PDB   3IBK         pdb_00003ibk 10.2210/pdb3ibk/pdb 
NDB   NA0091       ?            ?                   
RCSB  RCSB054207   ?            ?                   
WWPDB D_1000054207 ?            ?                   
# 
_pdbx_database_status.entry_id                        3IBK 
_pdbx_database_status.deposit_site                    RCSB 
_pdbx_database_status.process_site                    PDBJ 
_pdbx_database_status.recvd_initial_deposition_date   2009-07-16 
_pdbx_database_status.status_code                     REL 
_pdbx_database_status.status_code_sf                  REL 
_pdbx_database_status.status_code_mr                  ? 
_pdbx_database_status.SG_entry                        ? 
_pdbx_database_status.status_code_cs                  ? 
_pdbx_database_status.pdb_format_compatible           Y 
_pdbx_database_status.status_code_nmr_data            ? 
_pdbx_database_status.methods_development_category    ? 
# 
loop_
_audit_author.name 
_audit_author.pdbx_ordinal 
'Collie, G.W.'    1 
'Neidle, S.'      2 
'Parkinson, G.N.' 3 
# 
_citation.id                        primary 
_citation.title                     'A crystallographic and modelling study of a human telomeric RNA (TERRA) quadruplex' 
_citation.journal_abbrev            'Nucleic Acids Res.' 
_citation.journal_volume            38 
_citation.page_first                5569 
_citation.page_last                 5580 
_citation.year                      2010 
_citation.journal_id_ASTM           NARHAD 
_citation.country                   UK 
_citation.journal_id_ISSN           0305-1048 
_citation.journal_id_CSD            0389 
_citation.book_publisher            ? 
_citation.pdbx_database_id_PubMed   20413582 
_citation.pdbx_database_id_DOI      10.1093/nar/gkq259 
# 
loop_
_citation_author.citation_id 
_citation_author.name 
_citation_author.ordinal 
_citation_author.identifier_ORCID 
primary 'Collie, G.W.'    1 ? 
primary 'Haider, S.M.'    2 ? 
primary 'Neidle, S.'      3 ? 
primary 'Parkinson, G.N.' 4 ? 
# 
_cell.length_a           57.583 
_cell.length_b           57.583 
_cell.length_c           38.377 
_cell.angle_alpha        90.000 
_cell.angle_beta         90.000 
_cell.angle_gamma        120.000 
_cell.entry_id           3IBK 
_cell.pdbx_unique_axis   ? 
_cell.Z_PDB              12 
_cell.length_a_esd       ? 
_cell.length_b_esd       ? 
_cell.length_c_esd       ? 
_cell.angle_alpha_esd    ? 
_cell.angle_beta_esd     ? 
_cell.angle_gamma_esd    ? 
# 
_symmetry.space_group_name_H-M             'P 31 2 1' 
_symmetry.entry_id                         3IBK 
_symmetry.Int_Tables_number                152 
_symmetry.pdbx_full_space_group_name_H-M   ? 
_symmetry.cell_setting                     ? 
_symmetry.space_group_name_Hall            ? 
# 
loop_
_entity.id 
_entity.type 
_entity.src_method 
_entity.pdbx_description 
_entity.formula_weight 
_entity.pdbx_number_of_molecules 
_entity.pdbx_ec 
_entity.pdbx_mutation 
_entity.pdbx_fragment 
_entity.details 
1 polymer     syn 
;RNA (5'-R(*(5BU)P*AP*GP*GP*GP*UP*UP*AP*GP*GP*GP*U)-3')
;
3988.248 2  ? ? ? ? 
2 non-polymer syn 'POTASSIUM ION'                                          39.098   2  ? ? ? ? 
3 water       nat water                                                    18.015   45 ? ? ? ? 
# 
_entity_poly.entity_id                      1 
_entity_poly.type                           polyribonucleotide 
_entity_poly.nstd_linkage                   no 
_entity_poly.nstd_monomer                   yes 
_entity_poly.pdbx_seq_one_letter_code       '(5BU)AGGGUUAGGGU' 
_entity_poly.pdbx_seq_one_letter_code_can   UAGGGUUAGGGU 
_entity_poly.pdbx_strand_id                 A,B 
_entity_poly.pdbx_target_identifier         ? 
# 
loop_
_entity_poly_seq.entity_id 
_entity_poly_seq.num 
_entity_poly_seq.mon_id 
_entity_poly_seq.hetero 
1 1  5BU n 
1 2  A   n 
1 3  G   n 
1 4  G   n 
1 5  G   n 
1 6  U   n 
1 7  U   n 
1 8  A   n 
1 9  G   n 
1 10 G   n 
1 11 G   n 
1 12 U   n 
# 
_pdbx_entity_src_syn.entity_id              1 
_pdbx_entity_src_syn.pdbx_src_id            1 
_pdbx_entity_src_syn.pdbx_alt_source_flag   sample 
_pdbx_entity_src_syn.pdbx_beg_seq_num       ? 
_pdbx_entity_src_syn.pdbx_end_seq_num       ? 
_pdbx_entity_src_syn.organism_scientific    ? 
_pdbx_entity_src_syn.organism_common_name   ? 
_pdbx_entity_src_syn.ncbi_taxonomy_id       ? 
_pdbx_entity_src_syn.details                'This sequence occurs naturally in humans' 
# 
_struct_ref.id                         1 
_struct_ref.db_name                    PDB 
_struct_ref.db_code                    3IBK 
_struct_ref.pdbx_db_accession          3IBK 
_struct_ref.entity_id                  1 
_struct_ref.pdbx_align_begin           ? 
_struct_ref.pdbx_seq_one_letter_code   ? 
_struct_ref.pdbx_db_isoform            ? 
# 
loop_
_struct_ref_seq.align_id 
_struct_ref_seq.ref_id 
_struct_ref_seq.pdbx_PDB_id_code 
_struct_ref_seq.pdbx_strand_id 
_struct_ref_seq.seq_align_beg 
_struct_ref_seq.pdbx_seq_align_beg_ins_code 
_struct_ref_seq.seq_align_end 
_struct_ref_seq.pdbx_seq_align_end_ins_code 
_struct_ref_seq.pdbx_db_accession 
_struct_ref_seq.db_align_beg 
_struct_ref_seq.pdbx_db_align_beg_ins_code 
_struct_ref_seq.db_align_end 
_struct_ref_seq.pdbx_db_align_end_ins_code 
_struct_ref_seq.pdbx_auth_seq_align_beg 
_struct_ref_seq.pdbx_auth_seq_align_end 
1 1 3IBK A 1 ? 12 ? 3IBK 1  ? 12 ? 1  12 
2 1 3IBK B 1 ? 12 ? 3IBK 13 ? 24 ? 13 24 
# 
loop_
_chem_comp.id 
_chem_comp.type 
_chem_comp.mon_nstd_flag 
_chem_comp.name 
_chem_comp.pdbx_synonyms 
_chem_comp.formula 
_chem_comp.formula_weight 
5BU 'RNA linking' n "5-BROMO-URIDINE-5'-MONOPHOSPHATE" ? 'C9 H12 Br N2 O9 P' 403.077 
A   'RNA linking' y "ADENOSINE-5'-MONOPHOSPHATE"       ? 'C10 H14 N5 O7 P'   347.221 
G   'RNA linking' y "GUANOSINE-5'-MONOPHOSPHATE"       ? 'C10 H14 N5 O8 P'   363.221 
HOH non-polymer   . WATER                              ? 'H2 O'              18.015  
K   non-polymer   . 'POTASSIUM ION'                    ? 'K 1'               39.098  
U   'RNA linking' y "URIDINE-5'-MONOPHOSPHATE"         ? 'C9 H13 N2 O9 P'    324.181 
# 
_exptl.crystals_number   1 
_exptl.entry_id          3IBK 
_exptl.method            'X-RAY DIFFRACTION' 
# 
_exptl_crystal.id                    1 
_exptl_crystal.pdbx_mosaicity        1.480 
_exptl_crystal.pdbx_mosaicity_esd    ? 
_exptl_crystal.density_Matthews      2.30 
_exptl_crystal.density_diffrn        ? 
_exptl_crystal.density_meas          ? 
_exptl_crystal.density_meas_temp     ? 
_exptl_crystal.density_percent_sol   46.58 
_exptl_crystal.size_max              ? 
_exptl_crystal.size_mid              ? 
_exptl_crystal.size_min              ? 
_exptl_crystal.size_rad              ? 
_exptl_crystal.description           ? 
_exptl_crystal.F_000                 ? 
_exptl_crystal.preparation           ? 
# 
_exptl_crystal_grow.crystal_id      1 
_exptl_crystal_grow.method          'VAPOR DIFFUSION, HANGING DROP' 
_exptl_crystal_grow.pH              6.5 
_exptl_crystal_grow.temp            285 
_exptl_crystal_grow.temp_details    ? 
_exptl_crystal_grow.pdbx_details    
'MPD, , KCl, NaCl, NaCacodylate, polyamine, pH 6.5, VAPOR DIFFUSION, HANGING DROP, temperature 285K' 
_exptl_crystal_grow.pdbx_pH_range   . 
# 
_diffrn.id                     1 
_diffrn.ambient_temp           105 
_diffrn.ambient_temp_details   ? 
_diffrn.crystal_id             1 
# 
_diffrn_detector.diffrn_id              1 
_diffrn_detector.detector               CCD 
_diffrn_detector.type                   'OXFORD TITAN CCD' 
_diffrn_detector.pdbx_collection_date   2009-06-08 
_diffrn_detector.details                ? 
# 
_diffrn_radiation.diffrn_id                        1 
_diffrn_radiation.wavelength_id                    1 
_diffrn_radiation.pdbx_diffrn_protocol             'SINGLE WAVELENGTH' 
_diffrn_radiation.monochromator                    ? 
_diffrn_radiation.pdbx_monochromatic_or_laue_m_l   M 
_diffrn_radiation.pdbx_scattering_type             x-ray 
# 
_diffrn_radiation_wavelength.id           1 
_diffrn_radiation_wavelength.wavelength   1.5418 
_diffrn_radiation_wavelength.wt           1.0 
# 
_diffrn_source.diffrn_id                   1 
_diffrn_source.source                      'SEALED TUBE' 
_diffrn_source.type                        'OXFORD DIFFRACTION ENHANCE ULTRA' 
_diffrn_source.pdbx_wavelength             ? 
_diffrn_source.pdbx_wavelength_list        1.5418 
_diffrn_source.pdbx_synchrotron_site       ? 
_diffrn_source.pdbx_synchrotron_beamline   ? 
# 
_reflns.entry_id                     3IBK 
_reflns.d_resolution_high            2.200 
_reflns.d_resolution_low             49.869 
_reflns.number_all                   ? 
_reflns.number_obs                   3912 
_reflns.pdbx_Rsym_value              0.046 
_reflns.pdbx_redundancy              6.300 
_reflns.percent_possible_obs         99.400 
_reflns.observed_criterion_sigma_F   2.0 
_reflns.observed_criterion_sigma_I   2.0 
_reflns.pdbx_Rmerge_I_obs            ? 
_reflns.pdbx_netI_over_sigmaI        ? 
_reflns.B_iso_Wilson_estimate        ? 
_reflns.R_free_details               ? 
_reflns.limit_h_max                  ? 
_reflns.limit_h_min                  ? 
_reflns.limit_k_max                  ? 
_reflns.limit_k_min                  ? 
_reflns.limit_l_max                  ? 
_reflns.limit_l_min                  ? 
_reflns.observed_criterion_F_max     ? 
_reflns.observed_criterion_F_min     ? 
_reflns.pdbx_chi_squared             ? 
_reflns.pdbx_scaling_rejects         ? 
_reflns.pdbx_ordinal                 1 
_reflns.pdbx_diffrn_id               1 
# 
_reflns_shell.d_res_high             2.20 
_reflns_shell.d_res_low              2.28 
_reflns_shell.percent_possible_obs   ? 
_reflns_shell.percent_possible_all   97.3 
_reflns_shell.Rmerge_I_obs           ? 
_reflns_shell.meanI_over_sigI_obs    4.54 
_reflns_shell.pdbx_Rsym_value        0.24 
_reflns_shell.pdbx_redundancy        6.0 
_reflns_shell.number_unique_all      ? 
_reflns_shell.number_measured_all    ? 
_reflns_shell.number_measured_obs    ? 
_reflns_shell.number_unique_obs      ? 
_reflns_shell.pdbx_chi_squared       ? 
_reflns_shell.pdbx_ordinal           1 
_reflns_shell.pdbx_diffrn_id         1 
# 
_refine.entry_id                                 3IBK 
_refine.ls_d_res_high                            2.200 
_refine.ls_d_res_low                             11.690 
_refine.pdbx_ls_sigma_F                          0.00 
_refine.pdbx_data_cutoff_high_absF               ? 
_refine.pdbx_data_cutoff_low_absF                ? 
_refine.ls_percent_reflns_obs                    99.970 
_refine.ls_number_reflns_obs                     3899 
_refine.ls_number_reflns_all                     ? 
_refine.pdbx_ls_cross_valid_method               THROUGHOUT 
_refine.pdbx_R_Free_selection_details            RANDOM 
_refine.details                                  'HYDROGENS HAVE BEEN ADDED IN THE RIDING POSITIONS U VALUES: RESIDUAL ONLY' 
_refine.ls_R_factor_all                          ? 
_refine.ls_R_factor_obs                          0.216 
_refine.ls_R_factor_R_work                       0.215 
_refine.ls_wR_factor_R_work                      ? 
_refine.ls_R_factor_R_free                       0.231 
_refine.ls_wR_factor_R_free                      ? 
_refine.ls_percent_reflns_R_free                 4.500 
_refine.ls_number_reflns_R_free                  176 
_refine.ls_R_factor_R_free_error                 ? 
_refine.B_iso_mean                               24.257 
_refine.solvent_model_param_bsol                 ? 
_refine.solvent_model_param_ksol                 ? 
_refine.pdbx_isotropic_thermal_model             Isotropic 
_refine.aniso_B[1][1]                            -0.160 
_refine.aniso_B[2][2]                            -0.160 
_refine.aniso_B[3][3]                            0.250 
_refine.aniso_B[1][2]                            -0.080 
_refine.aniso_B[1][3]                            0.000 
_refine.aniso_B[2][3]                            0.000 
_refine.correlation_coeff_Fo_to_Fc               0.954 
_refine.correlation_coeff_Fo_to_Fc_free          0.945 
_refine.overall_SU_R_Cruickshank_DPI             ? 
_refine.overall_SU_R_free                        ? 
_refine.pdbx_overall_ESU_R                       0.255 
_refine.pdbx_overall_ESU_R_Free                  0.187 
_refine.overall_SU_ML                            0.142 
_refine.overall_SU_B                             9.780 
_refine.solvent_model_details                    MASK 
_refine.pdbx_solvent_vdw_probe_radii             1.400 
_refine.pdbx_solvent_ion_probe_radii             0.800 
_refine.pdbx_solvent_shrinkage_radii             0.800 
_refine.ls_number_parameters                     ? 
_refine.ls_number_restraints                     ? 
_refine.pdbx_starting_model                      'PDB entry 1K8P' 
_refine.pdbx_method_to_determine_struct          'MOLECULAR REPLACEMENT' 
_refine.pdbx_stereochemistry_target_values       'MAXIMUM LIKELIHOOD' 
_refine.pdbx_stereochem_target_val_spec_case     ? 
_refine.overall_FOM_work_R_set                   ? 
_refine.B_iso_max                                50.12 
_refine.B_iso_min                                8.61 
_refine.occupancy_max                            1.00 
_refine.occupancy_min                            0.00 
_refine.pdbx_ls_sigma_I                          ? 
_refine.ls_redundancy_reflns_obs                 ? 
_refine.ls_R_factor_R_free_error_details         ? 
_refine.pdbx_data_cutoff_high_rms_absF           ? 
_refine.overall_FOM_free_R_set                   ? 
_refine.pdbx_refine_id                           'X-RAY DIFFRACTION' 
_refine.pdbx_overall_phase_error                 ? 
_refine.pdbx_TLS_residual_ADP_flag               'LIKELY RESIDUAL' 
_refine.pdbx_diffrn_id                           1 
_refine.pdbx_overall_SU_R_free_Cruickshank_DPI   ? 
_refine.pdbx_overall_SU_R_Blow_DPI               ? 
_refine.pdbx_overall_SU_R_free_Blow_DPI          ? 
# 
_refine_hist.pdbx_refine_id                   'X-RAY DIFFRACTION' 
_refine_hist.cycle_id                         LAST 
_refine_hist.pdbx_number_atoms_protein        0 
_refine_hist.pdbx_number_atoms_nucleic_acid   520 
_refine_hist.pdbx_number_atoms_ligand         2 
_refine_hist.number_atoms_solvent             45 
_refine_hist.number_atoms_total               567 
_refine_hist.d_res_high                       2.200 
_refine_hist.d_res_low                        11.690 
# 
loop_
_refine_ls_restr.type 
_refine_ls_restr.number 
_refine_ls_restr.dev_ideal 
_refine_ls_restr.dev_ideal_target 
_refine_ls_restr.weight 
_refine_ls_restr.pdbx_refine_id 
_refine_ls_restr.pdbx_restraint_function 
r_bond_refined_d     497 0.013 0.021 ? 'X-RAY DIFFRACTION' ? 
r_angle_refined_deg  774 0.859 3.000 ? 'X-RAY DIFFRACTION' ? 
r_chiral_restr       99  0.058 0.200 ? 'X-RAY DIFFRACTION' ? 
r_gen_planes_refined 224 0.023 0.020 ? 'X-RAY DIFFRACTION' ? 
r_scbond_it          497 2.555 3.000 ? 'X-RAY DIFFRACTION' ? 
r_scangle_it         774 3.630 4.500 ? 'X-RAY DIFFRACTION' ? 
# 
_refine_ls_shell.d_res_high                       2.200 
_refine_ls_shell.d_res_low                        2.255 
_refine_ls_shell.pdbx_total_number_of_bins_used   20 
_refine_ls_shell.percent_reflns_obs               99.640 
_refine_ls_shell.number_reflns_R_work             266 
_refine_ls_shell.R_factor_all                     ? 
_refine_ls_shell.R_factor_R_work                  0.294 
_refine_ls_shell.R_factor_R_free                  0.196 
_refine_ls_shell.percent_reflns_R_free            ? 
_refine_ls_shell.number_reflns_R_free             13 
_refine_ls_shell.R_factor_R_free_error            ? 
_refine_ls_shell.number_reflns_all                279 
_refine_ls_shell.number_reflns_obs                ? 
_refine_ls_shell.redundancy_reflns_obs            ? 
_refine_ls_shell.pdbx_refine_id                   'X-RAY DIFFRACTION' 
# 
_struct.entry_id                  3IBK 
_struct.title                     'Crystal structure of a telomeric RNA quadruplex' 
_struct.pdbx_model_details        ? 
_struct.pdbx_CASP_flag            ? 
_struct.pdbx_model_type_details   ? 
# 
_struct_keywords.entry_id        3IBK 
_struct_keywords.pdbx_keywords   RNA 
_struct_keywords.text            'rna quadruplex, bimolecular quadruplex, parallel stranded, RNA' 
# 
loop_
_struct_asym.id 
_struct_asym.pdbx_blank_PDB_chainid_flag 
_struct_asym.pdbx_modified 
_struct_asym.entity_id 
_struct_asym.details 
A N N 1 ? 
B N N 1 ? 
C N N 2 ? 
D N N 2 ? 
E N N 3 ? 
F N N 3 ? 
# 
_struct_biol.id        1 
_struct_biol.details   ? 
# 
loop_
_struct_conn.id 
_struct_conn.conn_type_id 
_struct_conn.pdbx_leaving_atom_flag 
_struct_conn.pdbx_PDB_id 
_struct_conn.ptnr1_label_asym_id 
_struct_conn.ptnr1_label_comp_id 
_struct_conn.ptnr1_label_seq_id 
_struct_conn.ptnr1_label_atom_id 
_struct_conn.pdbx_ptnr1_label_alt_id 
_struct_conn.pdbx_ptnr1_PDB_ins_code 
_struct_conn.pdbx_ptnr1_standard_comp_id 
_struct_conn.ptnr1_symmetry 
_struct_conn.ptnr2_label_asym_id 
_struct_conn.ptnr2_label_comp_id 
_struct_conn.ptnr2_label_seq_id 
_struct_conn.ptnr2_label_atom_id 
_struct_conn.pdbx_ptnr2_label_alt_id 
_struct_conn.pdbx_ptnr2_PDB_ins_code 
_struct_conn.ptnr1_auth_asym_id 
_struct_conn.ptnr1_auth_comp_id 
_struct_conn.ptnr1_auth_seq_id 
_struct_conn.ptnr2_auth_asym_id 
_struct_conn.ptnr2_auth_comp_id 
_struct_conn.ptnr2_auth_seq_id 
_struct_conn.ptnr2_symmetry 
_struct_conn.pdbx_ptnr3_label_atom_id 
_struct_conn.pdbx_ptnr3_label_seq_id 
_struct_conn.pdbx_ptnr3_label_comp_id 
_struct_conn.pdbx_ptnr3_label_asym_id 
_struct_conn.pdbx_ptnr3_label_alt_id 
_struct_conn.pdbx_ptnr3_PDB_ins_code 
_struct_conn.details 
_struct_conn.pdbx_dist_value 
_struct_conn.pdbx_value_order 
_struct_conn.pdbx_role 
covale1  covale both ? A 5BU 1  "O3'" ? ? ? 1_555 A A 2  P  ? ? A 5BU 1  A A 2  1_555 ? ? ? ? ? ? ?           1.594 ? ? 
covale2  covale both ? B 5BU 1  "O3'" ? ? ? 1_555 B A 2  P  ? ? B 5BU 13 B A 14 1_555 ? ? ? ? ? ? ?           1.586 ? ? 
metalc1  metalc ?    ? A G   3  O6    ? ? ? 1_555 D K .  K  ? ? A G   3  A K 14 1_555 ? ? ? ? ? ? ?           2.840 ? ? 
metalc2  metalc ?    ? A G   4  O6    ? ? ? 1_555 C K .  K  ? ? A G   4  A K 13 1_555 ? ? ? ? ? ? ?           2.826 ? ? 
metalc3  metalc ?    ? A G   4  O6    ? ? ? 1_555 D K .  K  ? ? A G   4  A K 14 1_555 ? ? ? ? ? ? ?           2.956 ? ? 
metalc4  metalc ?    ? A G   5  O6    ? ? ? 1_555 C K .  K  ? ? A G   5  A K 13 1_555 ? ? ? ? ? ? ?           2.664 ? ? 
metalc5  metalc ?    ? A G   9  O6    ? ? ? 1_555 D K .  K  ? ? A G   9  A K 14 1_555 ? ? ? ? ? ? ?           2.740 ? ? 
metalc6  metalc ?    ? A G   10 O6    ? ? ? 1_555 C K .  K  ? ? A G   10 A K 13 1_555 ? ? ? ? ? ? ?           2.857 ? ? 
metalc7  metalc ?    ? A G   10 O6    ? ? ? 1_555 D K .  K  ? ? A G   10 A K 14 1_555 ? ? ? ? ? ? ?           2.914 ? ? 
metalc8  metalc ?    ? A G   11 O6    ? ? ? 1_555 C K .  K  ? ? A G   11 A K 13 1_555 ? ? ? ? ? ? ?           2.712 ? ? 
metalc9  metalc ?    ? C K   .  K     ? ? ? 1_555 B G 4  O6 ? ? A K   13 B G 16 1_555 ? ? ? ? ? ? ?           2.715 ? ? 
metalc10 metalc ?    ? C K   .  K     ? ? ? 1_555 B G 5  O6 ? ? A K   13 B G 17 1_555 ? ? ? ? ? ? ?           2.637 ? ? 
metalc11 metalc ?    ? C K   .  K     ? ? ? 1_555 B G 10 O6 ? ? A K   13 B G 22 1_555 ? ? ? ? ? ? ?           2.714 ? ? 
metalc12 metalc ?    ? C K   .  K     ? ? ? 1_555 B G 11 O6 ? ? A K   13 B G 23 1_555 ? ? ? ? ? ? ?           2.685 ? ? 
metalc13 metalc ?    ? D K   .  K     ? ? ? 1_555 B G 3  O6 ? ? A K   14 B G 15 1_555 ? ? ? ? ? ? ?           2.654 ? ? 
metalc14 metalc ?    ? D K   .  K     ? ? ? 1_555 B G 4  O6 ? ? A K   14 B G 16 1_555 ? ? ? ? ? ? ?           2.999 ? ? 
metalc15 metalc ?    ? D K   .  K     ? ? ? 1_555 B G 9  O6 ? ? A K   14 B G 21 1_555 ? ? ? ? ? ? ?           2.685 ? ? 
metalc16 metalc ?    ? D K   .  K     ? ? ? 1_555 B G 10 O6 ? ? A K   14 B G 22 1_555 ? ? ? ? ? ? ?           3.125 ? ? 
hydrog1  hydrog ?    ? A G   3  N1    ? ? ? 1_555 A G 9  O6 ? ? A G   3  A G 9  1_555 ? ? ? ? ? ? TYPE_6_PAIR ?     ? ? 
hydrog2  hydrog ?    ? A G   3  N2    ? ? ? 1_555 A G 9  N7 ? ? A G   3  A G 9  1_555 ? ? ? ? ? ? TYPE_6_PAIR ?     ? ? 
hydrog3  hydrog ?    ? A G   3  N7    ? ? ? 1_555 B G 9  N2 ? ? A G   3  B G 21 1_555 ? ? ? ? ? ? TYPE_6_PAIR ?     ? ? 
hydrog4  hydrog ?    ? A G   3  O6    ? ? ? 1_555 B G 9  N1 ? ? A G   3  B G 21 1_555 ? ? ? ? ? ? TYPE_6_PAIR ?     ? ? 
hydrog5  hydrog ?    ? A G   4  N1    ? ? ? 1_555 A G 10 O6 ? ? A G   4  A G 10 1_555 ? ? ? ? ? ? TYPE_6_PAIR ?     ? ? 
hydrog6  hydrog ?    ? A G   4  N2    ? ? ? 1_555 A G 10 N7 ? ? A G   4  A G 10 1_555 ? ? ? ? ? ? TYPE_6_PAIR ?     ? ? 
hydrog7  hydrog ?    ? A G   4  N7    ? ? ? 1_555 B G 10 N2 ? ? A G   4  B G 22 1_555 ? ? ? ? ? ? TYPE_6_PAIR ?     ? ? 
hydrog8  hydrog ?    ? A G   4  O6    ? ? ? 1_555 B G 10 N1 ? ? A G   4  B G 22 1_555 ? ? ? ? ? ? TYPE_6_PAIR ?     ? ? 
hydrog9  hydrog ?    ? A G   5  N1    ? ? ? 1_555 A G 11 O6 ? ? A G   5  A G 11 1_555 ? ? ? ? ? ? TYPE_6_PAIR ?     ? ? 
hydrog10 hydrog ?    ? A G   5  N2    ? ? ? 1_555 A G 11 N7 ? ? A G   5  A G 11 1_555 ? ? ? ? ? ? TYPE_6_PAIR ?     ? ? 
hydrog11 hydrog ?    ? A G   5  N7    ? ? ? 1_555 B G 11 N2 ? ? A G   5  B G 23 1_555 ? ? ? ? ? ? TYPE_6_PAIR ?     ? ? 
hydrog12 hydrog ?    ? A G   5  O6    ? ? ? 1_555 B G 11 N1 ? ? A G   5  B G 23 1_555 ? ? ? ? ? ? TYPE_6_PAIR ?     ? ? 
hydrog13 hydrog ?    ? A G   9  N1    ? ? ? 1_555 B G 3  O6 ? ? A G   9  B G 15 1_555 ? ? ? ? ? ? TYPE_6_PAIR ?     ? ? 
hydrog14 hydrog ?    ? A G   9  N2    ? ? ? 1_555 B G 3  N7 ? ? A G   9  B G 15 1_555 ? ? ? ? ? ? TYPE_6_PAIR ?     ? ? 
hydrog15 hydrog ?    ? A G   10 N1    ? ? ? 1_555 B G 4  O6 ? ? A G   10 B G 16 1_555 ? ? ? ? ? ? TYPE_6_PAIR ?     ? ? 
hydrog16 hydrog ?    ? A G   10 N2    ? ? ? 1_555 B G 4  N7 ? ? A G   10 B G 16 1_555 ? ? ? ? ? ? TYPE_6_PAIR ?     ? ? 
hydrog17 hydrog ?    ? A G   11 N1    ? ? ? 1_555 B G 5  O6 ? ? A G   11 B G 17 1_555 ? ? ? ? ? ? TYPE_6_PAIR ?     ? ? 
hydrog18 hydrog ?    ? A G   11 N2    ? ? ? 1_555 B G 5  N7 ? ? A G   11 B G 17 1_555 ? ? ? ? ? ? TYPE_6_PAIR ?     ? ? 
hydrog19 hydrog ?    ? B G   3  N1    ? ? ? 1_555 B G 9  O6 ? ? B G   15 B G 21 1_555 ? ? ? ? ? ? TYPE_6_PAIR ?     ? ? 
hydrog20 hydrog ?    ? B G   3  N2    ? ? ? 1_555 B G 9  N7 ? ? B G   15 B G 21 1_555 ? ? ? ? ? ? TYPE_6_PAIR ?     ? ? 
hydrog21 hydrog ?    ? B G   4  N1    ? ? ? 1_555 B G 10 O6 ? ? B G   16 B G 22 1_555 ? ? ? ? ? ? TYPE_6_PAIR ?     ? ? 
hydrog22 hydrog ?    ? B G   4  N2    ? ? ? 1_555 B G 10 N7 ? ? B G   16 B G 22 1_555 ? ? ? ? ? ? TYPE_6_PAIR ?     ? ? 
hydrog23 hydrog ?    ? B G   5  N1    ? ? ? 1_555 B G 11 O6 ? ? B G   17 B G 23 1_555 ? ? ? ? ? ? TYPE_6_PAIR ?     ? ? 
hydrog24 hydrog ?    ? B G   5  N2    ? ? ? 1_555 B G 11 N7 ? ? B G   17 B G 23 1_555 ? ? ? ? ? ? TYPE_6_PAIR ?     ? ? 
# 
loop_
_struct_conn_type.id 
_struct_conn_type.criteria 
_struct_conn_type.reference 
covale ? ? 
metalc ? ? 
hydrog ? ? 
# 
loop_
_struct_site.id 
_struct_site.pdbx_evidence_code 
_struct_site.pdbx_auth_asym_id 
_struct_site.pdbx_auth_comp_id 
_struct_site.pdbx_auth_seq_id 
_struct_site.pdbx_auth_ins_code 
_struct_site.pdbx_num_residues 
_struct_site.details 
AC1 Software A K 13 ? 9 'BINDING SITE FOR RESIDUE K A 13' 
AC2 Software A K 14 ? 9 'BINDING SITE FOR RESIDUE K A 14' 
# 
loop_
_struct_site_gen.id 
_struct_site_gen.site_id 
_struct_site_gen.pdbx_num_res 
_struct_site_gen.label_comp_id 
_struct_site_gen.label_asym_id 
_struct_site_gen.label_seq_id 
_struct_site_gen.pdbx_auth_ins_code 
_struct_site_gen.auth_comp_id 
_struct_site_gen.auth_asym_id 
_struct_site_gen.auth_seq_id 
_struct_site_gen.label_atom_id 
_struct_site_gen.label_alt_id 
_struct_site_gen.symmetry 
_struct_site_gen.details 
1  AC1 9 G A 4  ? G A 4  . ? 1_555 ? 
2  AC1 9 G A 5  ? G A 5  . ? 1_555 ? 
3  AC1 9 G A 10 ? G A 10 . ? 1_555 ? 
4  AC1 9 G A 11 ? G A 11 . ? 1_555 ? 
5  AC1 9 K D .  ? K A 14 . ? 1_555 ? 
6  AC1 9 G B 4  ? G B 16 . ? 1_555 ? 
7  AC1 9 G B 5  ? G B 17 . ? 1_555 ? 
8  AC1 9 G B 10 ? G B 22 . ? 1_555 ? 
9  AC1 9 G B 11 ? G B 23 . ? 1_555 ? 
10 AC2 9 G A 3  ? G A 3  . ? 1_555 ? 
11 AC2 9 G A 4  ? G A 4  . ? 1_555 ? 
12 AC2 9 G A 9  ? G A 9  . ? 1_555 ? 
13 AC2 9 G A 10 ? G A 10 . ? 1_555 ? 
14 AC2 9 K C .  ? K A 13 . ? 1_555 ? 
15 AC2 9 G B 3  ? G B 15 . ? 1_555 ? 
16 AC2 9 G B 4  ? G B 16 . ? 1_555 ? 
17 AC2 9 G B 9  ? G B 21 . ? 1_555 ? 
18 AC2 9 G B 10 ? G B 22 . ? 1_555 ? 
# 
_atom_sites.entry_id                    3IBK 
_atom_sites.fract_transf_matrix[1][1]   -0.00865410 
_atom_sites.fract_transf_matrix[1][2]   -0.00517787 
_atom_sites.fract_transf_matrix[1][3]   -0.01733190 
_atom_sites.fract_transf_matrix[2][1]   -0.00902088 
_atom_sites.fract_transf_matrix[2][2]   0.01392923 
_atom_sites.fract_transf_matrix[2][3]   -0.01125713 
_atom_sites.fract_transf_matrix[3][1]   0.02242558 
_atom_sites.fract_transf_matrix[3][2]   0.00440932 
_atom_sites.fract_transf_matrix[3][3]   -0.01251473 
_atom_sites.fract_transf_vector[1]      0.319929 
_atom_sites.fract_transf_vector[2]      0.438945 
_atom_sites.fract_transf_vector[3]      0.854336 
# 
loop_
_atom_type.symbol 
BR 
C  
K  
N  
O  
P  
# 
loop_
_atom_site.group_PDB 
_atom_site.id 
_atom_site.type_symbol 
_atom_site.label_atom_id 
_atom_site.label_alt_id 
_atom_site.label_comp_id 
_atom_site.label_asym_id 
_atom_site.label_entity_id 
_atom_site.label_seq_id 
_atom_site.pdbx_PDB_ins_code 
_atom_site.Cartn_x 
_atom_site.Cartn_y 
_atom_site.Cartn_z 
_atom_site.occupancy 
_atom_site.B_iso_or_equiv 
_atom_site.pdbx_formal_charge 
_atom_site.auth_seq_id 
_atom_site.auth_comp_id 
_atom_site.auth_asym_id 
_atom_site.auth_atom_id 
_atom_site.pdbx_PDB_model_num 
HETATM 1   O  "O5'" . 5BU A 1 1  ? 9.972   -6.135  2.060   1.00 41.14 ? 1  5BU A "O5'" 1 
HETATM 2   C  "C5'" . 5BU A 1 1  ? 11.304  -5.842  2.473   1.00 37.88 ? 1  5BU A "C5'" 1 
HETATM 3   C  "C4'" . 5BU A 1 1  ? 12.074  -5.187  1.357   1.00 35.67 ? 1  5BU A "C4'" 1 
HETATM 4   O  "O4'" . 5BU A 1 1  ? 11.743  -5.841  0.125   1.00 35.54 ? 1  5BU A "O4'" 1 
HETATM 5   C  "C3'" . 5BU A 1 1  ? 11.739  -3.732  1.132   1.00 33.90 ? 1  5BU A "C3'" 1 
HETATM 6   O  "O3'" . 5BU A 1 1  ? 12.569  -2.927  1.940   1.00 33.80 ? 1  5BU A "O3'" 1 
HETATM 7   C  "C2'" . 5BU A 1 1  ? 12.057  -3.531  -0.348  1.00 33.89 ? 1  5BU A "C2'" 1 
HETATM 8   O  "O2'" . 5BU A 1 1  ? 13.409  -3.177  -0.564  1.00 32.79 ? 1  5BU A "O2'" 1 
HETATM 9   C  "C1'" . 5BU A 1 1  ? 11.788  -4.911  -0.936  1.00 32.63 ? 1  5BU A "C1'" 1 
HETATM 10  N  N1    . 5BU A 1 1  ? 10.530  -5.043  -1.710  1.00 26.32 ? 1  5BU A N1    1 
HETATM 11  C  C2    . 5BU A 1 1  ? 10.306  -4.222  -2.801  1.00 23.43 ? 1  5BU A C2    1 
HETATM 12  O  O2    . 5BU A 1 1  ? 11.055  -3.317  -3.128  1.00 28.08 ? 1  5BU A O2    1 
HETATM 13  N  N3    . 5BU A 1 1  ? 9.171   -4.506  -3.507  1.00 19.79 ? 1  5BU A N3    1 
HETATM 14  C  C4    . 5BU A 1 1  ? 8.253   -5.519  -3.241  1.00 21.65 ? 1  5BU A C4    1 
HETATM 15  O  O4    . 5BU A 1 1  ? 7.262   -5.654  -3.962  1.00 23.37 ? 1  5BU A O4    1 
HETATM 16  C  C5    . 5BU A 1 1  ? 8.560   -6.339  -2.101  1.00 16.94 ? 1  5BU A C5    1 
HETATM 17  C  C6    . 5BU A 1 1  ? 9.654   -6.091  -1.391  1.00 23.42 ? 1  5BU A C6    1 
HETATM 18  BR BR    . 5BU A 1 1  ? 7.436   -7.711  -1.651  1.00 21.79 ? 1  5BU A BR    1 
ATOM   19  P  P     . A   A 1 2  ? 12.005  -1.570  2.555   1.00 25.75 ? 2  A   A P     1 
ATOM   20  O  OP1   . A   A 1 2  ? 13.040  -1.005  3.435   1.00 30.19 ? 2  A   A OP1   1 
ATOM   21  O  OP2   . A   A 1 2  ? 10.660  -1.848  3.087   1.00 23.52 ? 2  A   A OP2   1 
ATOM   22  O  "O5'" . A   A 1 2  ? 11.860  -0.639  1.288   1.00 22.25 ? 2  A   A "O5'" 1 
ATOM   23  C  "C5'" . A   A 1 2  ? 12.953  0.041   0.810   1.00 20.33 ? 2  A   A "C5'" 1 
ATOM   24  C  "C4'" . A   A 1 2  ? 12.556  0.879   -0.386  1.00 22.19 ? 2  A   A "C4'" 1 
ATOM   25  O  "O4'" . A   A 1 2  ? 12.014  0.016   -1.400  1.00 23.48 ? 2  A   A "O4'" 1 
ATOM   26  C  "C3'" . A   A 1 2  ? 11.443  1.879   -0.139  1.00 21.16 ? 2  A   A "C3'" 1 
ATOM   27  O  "O3'" . A   A 1 2  ? 11.961  3.078   0.435   1.00 25.10 ? 2  A   A "O3'" 1 
ATOM   28  C  "C2'" . A   A 1 2  ? 10.957  2.125   -1.551  1.00 21.11 ? 2  A   A "C2'" 1 
ATOM   29  O  "O2'" . A   A 1 2  ? 11.842  2.975   -2.262  1.00 19.16 ? 2  A   A "O2'" 1 
ATOM   30  C  "C1'" . A   A 1 2  ? 11.014  0.718   -2.134  1.00 21.22 ? 2  A   A "C1'" 1 
ATOM   31  N  N9    . A   A 1 2  ? 9.756   -0.051  -2.082  1.00 18.25 ? 2  A   A N9    1 
ATOM   32  C  C8    . A   A 1 2  ? 9.415   -1.036  -1.181  1.00 17.09 ? 2  A   A C8    1 
ATOM   33  N  N7    . A   A 1 2  ? 8.255   -1.609  -1.432  1.00 17.59 ? 2  A   A N7    1 
ATOM   34  C  C5    . A   A 1 2  ? 7.811   -0.946  -2.579  1.00 16.38 ? 2  A   A C5    1 
ATOM   35  C  C6    . A   A 1 2  ? 6.654   -1.085  -3.362  1.00 14.13 ? 2  A   A C6    1 
ATOM   36  N  N6    . A   A 1 2  ? 5.701   -1.950  -3.093  1.00 15.38 ? 2  A   A N6    1 
ATOM   37  N  N1    . A   A 1 2  ? 6.510   -0.285  -4.420  1.00 12.94 ? 2  A   A N1    1 
ATOM   38  C  C2    . A   A 1 2  ? 7.476   0.594   -4.692  1.00 16.73 ? 2  A   A C2    1 
ATOM   39  N  N3    . A   A 1 2  ? 8.618   0.813   -4.045  1.00 18.30 ? 2  A   A N3    1 
ATOM   40  C  C4    . A   A 1 2  ? 8.724   0.003   -2.986  1.00 16.02 ? 2  A   A C4    1 
ATOM   41  P  P     . G   A 1 3  ? 11.115  3.868   1.559   1.00 22.22 ? 3  G   A P     1 
ATOM   42  O  OP1   . G   A 1 3  ? 12.073  4.625   2.379   1.00 23.63 ? 3  G   A OP1   1 
ATOM   43  O  OP2   . G   A 1 3  ? 10.175  2.913   2.206   1.00 22.11 ? 3  G   A OP2   1 
ATOM   44  O  "O5'" . G   A 1 3  ? 10.231  4.889   0.711   1.00 21.80 ? 3  G   A "O5'" 1 
ATOM   45  C  "C5'" . G   A 1 3  ? 10.692  5.424   -0.510  1.00 23.75 ? 3  G   A "C5'" 1 
ATOM   46  C  "C4'" . G   A 1 3  ? 9.507   5.713   -1.404  1.00 24.44 ? 3  G   A "C4'" 1 
ATOM   47  O  "O4'" . G   A 1 3  ? 8.888   4.434   -1.771  1.00 25.91 ? 3  G   A "O4'" 1 
ATOM   48  C  "C3'" . G   A 1 3  ? 8.388   6.531   -0.721  1.00 24.34 ? 3  G   A "C3'" 1 
ATOM   49  O  "O3'" . G   A 1 3  ? 7.669   7.351   -1.681  1.00 29.08 ? 3  G   A "O3'" 1 
ATOM   50  C  "C2'" . G   A 1 3  ? 7.508   5.441   -0.199  1.00 24.58 ? 3  G   A "C2'" 1 
ATOM   51  O  "O2'" . G   A 1 3  ? 6.192   5.894   0.082   1.00 27.12 ? 3  G   A "O2'" 1 
ATOM   52  C  "C1'" . G   A 1 3  ? 7.536   4.483   -1.403  1.00 22.62 ? 3  G   A "C1'" 1 
ATOM   53  N  N9    . G   A 1 3  ? 6.991   3.160   -1.081  1.00 16.08 ? 3  G   A N9    1 
ATOM   54  C  C8    . G   A 1 3  ? 7.235   2.426   0.055   1.00 17.09 ? 3  G   A C8    1 
ATOM   55  N  N7    . G   A 1 3  ? 6.463   1.373   0.176   1.00 18.75 ? 3  G   A N7    1 
ATOM   56  C  C5    . G   A 1 3  ? 5.624   1.436   -0.920  1.00 13.83 ? 3  G   A C5    1 
ATOM   57  C  C6    . G   A 1 3  ? 4.598   0.560   -1.331  1.00 13.10 ? 3  G   A C6    1 
ATOM   58  O  O6    . G   A 1 3  ? 4.186   -0.464  -0.766  1.00 16.07 ? 3  G   A O6    1 
ATOM   59  N  N1    . G   A 1 3  ? 4.005   0.982   -2.525  1.00 11.85 ? 3  G   A N1    1 
ATOM   60  C  C2    . G   A 1 3  ? 4.358   2.113   -3.234  1.00 11.30 ? 3  G   A C2    1 
ATOM   61  N  N2    . G   A 1 3  ? 3.673   2.356   -4.356  1.00 9.36  ? 3  G   A N2    1 
ATOM   62  N  N3    . G   A 1 3  ? 5.332   2.931   -2.875  1.00 14.50 ? 3  G   A N3    1 
ATOM   63  C  C4    . G   A 1 3  ? 5.924   2.536   -1.704  1.00 14.67 ? 3  G   A C4    1 
ATOM   64  P  P     . G   A 1 4  ? 6.831   8.650   -1.191  1.00 28.10 ? 4  G   A P     1 
ATOM   65  O  OP1   . G   A 1 4  ? 7.570   9.843   -1.629  1.00 29.26 ? 4  G   A OP1   1 
ATOM   66  O  OP2   . G   A 1 4  ? 6.484   8.471   0.232   1.00 27.75 ? 4  G   A OP2   1 
ATOM   67  O  "O5'" . G   A 1 4  ? 5.486   8.564   -2.013  1.00 25.52 ? 4  G   A "O5'" 1 
ATOM   68  C  "C5'" . G   A 1 4  ? 5.487   8.810   -3.378  1.00 21.27 ? 4  G   A "C5'" 1 
ATOM   69  C  "C4'" . G   A 1 4  ? 4.214   8.278   -3.990  1.00 20.23 ? 4  G   A "C4'" 1 
ATOM   70  O  "O4'" . G   A 1 4  ? 4.203   6.841   -3.914  1.00 19.22 ? 4  G   A "O4'" 1 
ATOM   71  C  "C3'" . G   A 1 4  ? 2.933   8.654   -3.274  1.00 17.78 ? 4  G   A "C3'" 1 
ATOM   72  O  "O3'" . G   A 1 4  ? 2.575   9.978   -3.580  1.00 18.31 ? 4  G   A "O3'" 1 
ATOM   73  C  "C2'" . G   A 1 4  ? 1.979   7.655   -3.901  1.00 15.72 ? 4  G   A "C2'" 1 
ATOM   74  O  "O2'" . G   A 1 4  ? 1.628   8.011   -5.236  1.00 13.22 ? 4  G   A "O2'" 1 
ATOM   75  C  "C1'" . G   A 1 4  ? 2.855   6.403   -3.920  1.00 15.92 ? 4  G   A "C1'" 1 
ATOM   76  N  N9    . G   A 1 4  ? 2.673   5.486   -2.800  1.00 11.86 ? 4  G   A N9    1 
ATOM   77  C  C8    . G   A 1 4  ? 3.491   5.333   -1.709  1.00 10.85 ? 4  G   A C8    1 
ATOM   78  N  N7    . G   A 1 4  ? 3.121   4.352   -0.913  1.00 13.57 ? 4  G   A N7    1 
ATOM   79  C  C5    . G   A 1 4  ? 1.999   3.815   -1.542  1.00 12.49 ? 4  G   A C5    1 
ATOM   80  C  C6    . G   A 1 4  ? 1.183   2.723   -1.182  1.00 14.60 ? 4  G   A C6    1 
ATOM   81  O  O6    . G   A 1 4  ? 1.286   1.979   -0.196  1.00 16.61 ? 4  G   A O6    1 
ATOM   82  N  N1    . G   A 1 4  ? 0.162   2.509   -2.108  1.00 14.68 ? 4  G   A N1    1 
ATOM   83  C  C2    . G   A 1 4  ? -0.035  3.255   -3.250  1.00 13.32 ? 4  G   A C2    1 
ATOM   84  N  N2    . G   A 1 4  ? -1.088  2.921   -4.012  1.00 13.35 ? 4  G   A N2    1 
ATOM   85  N  N3    . G   A 1 4  ? 0.743   4.252   -3.617  1.00 12.08 ? 4  G   A N3    1 
ATOM   86  C  C4    . G   A 1 4  ? 1.739   4.476   -2.720  1.00 13.28 ? 4  G   A C4    1 
ATOM   87  P  P     . G   A 1 5  ? 1.584   10.787  -2.635  1.00 16.72 ? 5  G   A P     1 
ATOM   88  O  OP1   . G   A 1 5  ? 1.722   12.204  -3.006  1.00 20.21 ? 5  G   A OP1   1 
ATOM   89  O  OP2   . G   A 1 5  ? 1.805   10.350  -1.248  1.00 16.10 ? 5  G   A OP2   1 
ATOM   90  O  "O5'" . G   A 1 5  ? 0.148   10.278  -3.079  1.00 17.10 ? 5  G   A "O5'" 1 
ATOM   91  C  "C5'" . G   A 1 5  ? -0.297  10.469  -4.416  1.00 15.41 ? 5  G   A "C5'" 1 
ATOM   92  C  "C4'" . G   A 1 5  ? -1.601  9.748   -4.618  1.00 17.09 ? 5  G   A "C4'" 1 
ATOM   93  O  "O4'" . G   A 1 5  ? -1.408  8.378   -4.212  1.00 15.82 ? 5  G   A "O4'" 1 
ATOM   94  C  "C3'" . G   A 1 5  ? -2.759  10.285  -3.768  1.00 18.24 ? 5  G   A "C3'" 1 
ATOM   95  O  "O3'" . G   A 1 5  ? -3.981  10.206  -4.487  1.00 22.43 ? 5  G   A "O3'" 1 
ATOM   96  C  "C2'" . G   A 1 5  ? -2.769  9.340   -2.598  1.00 19.01 ? 5  G   A "C2'" 1 
ATOM   97  O  "O2'" . G   A 1 5  ? -4.048  9.223   -2.010  1.00 18.29 ? 5  G   A "O2'" 1 
ATOM   98  C  "C1'" . G   A 1 5  ? -2.369  8.024   -3.270  1.00 16.86 ? 5  G   A "C1'" 1 
ATOM   99  N  N9    . G   A 1 5  ? -1.796  7.065   -2.311  1.00 14.09 ? 5  G   A N9    1 
ATOM   100 C  C8    . G   A 1 5  ? -0.706  7.280   -1.502  1.00 8.61  ? 5  G   A C8    1 
ATOM   101 N  N7    . G   A 1 5  ? -0.492  6.328   -0.666  1.00 12.11 ? 5  G   A N7    1 
ATOM   102 C  C5    . G   A 1 5  ? -1.514  5.402   -0.929  1.00 12.76 ? 5  G   A C5    1 
ATOM   103 C  C6    . G   A 1 5  ? -1.804  4.160   -0.300  1.00 12.85 ? 5  G   A C6    1 
ATOM   104 O  O6    . G   A 1 5  ? -1.176  3.604   0.610   1.00 16.68 ? 5  G   A O6    1 
ATOM   105 N  N1    . G   A 1 5  ? -2.949  3.554   -0.825  1.00 14.80 ? 5  G   A N1    1 
ATOM   106 C  C2    . G   A 1 5  ? -3.706  4.080   -1.842  1.00 15.22 ? 5  G   A C2    1 
ATOM   107 N  N2    . G   A 1 5  ? -4.781  3.347   -2.232  1.00 14.59 ? 5  G   A N2    1 
ATOM   108 N  N3    . G   A 1 5  ? -3.435  5.254   -2.437  1.00 15.79 ? 5  G   A N3    1 
ATOM   109 C  C4    . G   A 1 5  ? -2.335  5.859   -1.914  1.00 10.13 ? 5  G   A C4    1 
ATOM   110 P  P     . U   A 1 6  ? -4.870  11.519  -4.723  1.00 20.82 ? 6  U   A P     1 
ATOM   111 O  OP1   . U   A 1 6  ? -4.970  12.242  -3.447  1.00 20.60 ? 6  U   A OP1   1 
ATOM   112 O  OP2   . U   A 1 6  ? -6.087  11.126  -5.463  1.00 19.75 ? 6  U   A OP2   1 
ATOM   113 O  "O5'" . U   A 1 6  ? -3.975  12.376  -5.675  1.00 19.98 ? 6  U   A "O5'" 1 
ATOM   114 C  "C5'" . U   A 1 6  ? -4.011  12.153  -7.023  1.00 22.81 ? 6  U   A "C5'" 1 
ATOM   115 C  "C4'" . U   A 1 6  ? -2.745  12.688  -7.616  1.00 27.96 ? 6  U   A "C4'" 1 
ATOM   116 O  "O4'" . U   A 1 6  ? -1.621  11.935  -7.116  1.00 27.01 ? 6  U   A "O4'" 1 
ATOM   117 C  "C3'" . U   A 1 6  ? -2.652  12.619  -9.143  1.00 30.60 ? 6  U   A "C3'" 1 
ATOM   118 O  "O3'" . U   A 1 6  ? -2.652  13.969  -9.688  1.00 30.78 ? 6  U   A "O3'" 1 
ATOM   119 C  "C2'" . U   A 1 6  ? -1.319  11.869  -9.388  1.00 28.12 ? 6  U   A "C2'" 1 
ATOM   120 O  "O2'" . U   A 1 6  ? -0.535  12.442  -10.397 1.00 30.02 ? 6  U   A "O2'" 1 
ATOM   121 C  "C1'" . U   A 1 6  ? -0.613  12.036  -8.064  1.00 28.35 ? 6  U   A "C1'" 1 
ATOM   122 N  N1    . U   A 1 6  ? 0.392   11.000  -7.841  1.00 28.67 ? 6  U   A N1    1 
ATOM   123 C  C2    . U   A 1 6  ? 1.655   11.354  -7.390  1.00 28.08 ? 6  U   A C2    1 
ATOM   124 O  O2    . U   A 1 6  ? 1.972   12.492  -7.086  1.00 29.36 ? 6  U   A O2    1 
ATOM   125 N  N3    . U   A 1 6  ? 2.525   10.313  -7.271  1.00 25.80 ? 6  U   A N3    1 
ATOM   126 C  C4    . U   A 1 6  ? 2.288   9.006   -7.594  1.00 24.39 ? 6  U   A C4    1 
ATOM   127 O  O4    . U   A 1 6  ? 3.171   8.197   -7.461  1.00 30.68 ? 6  U   A O4    1 
ATOM   128 C  C5    . U   A 1 6  ? 0.971   8.716   -8.065  1.00 26.80 ? 6  U   A C5    1 
ATOM   129 C  C6    . U   A 1 6  ? 0.095   9.702   -8.189  1.00 28.48 ? 6  U   A C6    1 
ATOM   130 P  P     . U   A 1 7  ? -3.817  14.441  -10.686 1.00 28.55 ? 7  U   A P     1 
ATOM   131 O  OP1   . U   A 1 7  ? -3.631  15.885  -10.947 1.00 33.00 ? 7  U   A OP1   1 
ATOM   132 O  OP2   . U   A 1 7  ? -5.105  13.948  -10.146 1.00 29.56 ? 7  U   A OP2   1 
ATOM   133 O  "O5'" . U   A 1 7  ? -3.441  13.642  -12.027 1.00 26.68 ? 7  U   A "O5'" 1 
ATOM   134 C  "C5'" . U   A 1 7  ? -4.339  13.488  -13.107 1.00 20.49 ? 7  U   A "C5'" 1 
ATOM   135 C  "C4'" . U   A 1 7  ? -3.597  12.822  -14.254 1.00 21.49 ? 7  U   A "C4'" 1 
ATOM   136 O  "O4'" . U   A 1 7  ? -2.471  13.649  -14.610 1.00 20.33 ? 7  U   A "O4'" 1 
ATOM   137 C  "C3'" . U   A 1 7  ? -2.959  11.493  -13.895 1.00 22.90 ? 7  U   A "C3'" 1 
ATOM   138 O  "O3'" . U   A 1 7  ? -3.862  10.442  -14.089 1.00 26.52 ? 7  U   A "O3'" 1 
ATOM   139 C  "C2'" . U   A 1 7  ? -1.780  11.401  -14.852 1.00 18.89 ? 7  U   A "C2'" 1 
ATOM   140 O  "O2'" . U   A 1 7  ? -2.164  10.965  -16.136 1.00 17.32 ? 7  U   A "O2'" 1 
ATOM   141 C  "C1'" . U   A 1 7  ? -1.329  12.841  -14.897 1.00 18.32 ? 7  U   A "C1'" 1 
ATOM   142 N  N1    . U   A 1 7  ? -0.238  13.176  -13.919 1.00 14.69 ? 7  U   A N1    1 
ATOM   143 C  C2    . U   A 1 7  ? 0.994   12.567  -14.041 1.00 14.68 ? 7  U   A C2    1 
ATOM   144 O  O2    . U   A 1 7  ? 1.250   11.740  -14.905 1.00 18.92 ? 7  U   A O2    1 
ATOM   145 N  N3    . U   A 1 7  ? 1.925   12.959  -13.113 1.00 12.88 ? 7  U   A N3    1 
ATOM   146 C  C4    . U   A 1 7  ? 1.742   13.877  -12.083 1.00 15.42 ? 7  U   A C4    1 
ATOM   147 O  O4    . U   A 1 7  ? 2.668   14.136  -11.316 1.00 14.70 ? 7  U   A O4    1 
ATOM   148 C  C5    . U   A 1 7  ? 0.428   14.470  -12.028 1.00 14.09 ? 7  U   A C5    1 
ATOM   149 C  C6    . U   A 1 7  ? -0.485  14.108  -12.934 1.00 14.77 ? 7  U   A C6    1 
ATOM   150 P  P     . A   A 1 8  ? -3.935  9.267   -12.994 1.00 24.73 ? 8  A   A P     1 
ATOM   151 O  OP1   . A   A 1 8  ? -4.989  8.330   -13.429 1.00 26.26 ? 8  A   A OP1   1 
ATOM   152 O  OP2   . A   A 1 8  ? -3.951  9.889   -11.649 1.00 21.06 ? 8  A   A OP2   1 
ATOM   153 O  "O5'" . A   A 1 8  ? -2.538  8.555   -13.156 1.00 25.62 ? 8  A   A "O5'" 1 
ATOM   154 C  "C5'" . A   A 1 8  ? -2.285  7.758   -14.276 1.00 24.46 ? 8  A   A "C5'" 1 
ATOM   155 C  "C4'" . A   A 1 8  ? -1.148  6.836   -13.956 1.00 24.12 ? 8  A   A "C4'" 1 
ATOM   156 O  "O4'" . A   A 1 8  ? 0.038   7.639   -13.697 1.00 21.05 ? 8  A   A "O4'" 1 
ATOM   157 C  "C3'" . A   A 1 8  ? -1.368  6.018   -12.688 1.00 23.79 ? 8  A   A "C3'" 1 
ATOM   158 O  "O3'" . A   A 1 8  ? -0.753  4.768   -12.822 1.00 26.99 ? 8  A   A "O3'" 1 
ATOM   159 C  "C2'" . A   A 1 8  ? -0.678  6.861   -11.630 1.00 22.19 ? 8  A   A "C2'" 1 
ATOM   160 O  "O2'" . A   A 1 8  ? -0.256  6.094   -10.508 1.00 20.04 ? 8  A   A "O2'" 1 
ATOM   161 C  "C1'" . A   A 1 8  ? 0.522   7.351   -12.421 1.00 20.53 ? 8  A   A "C1'" 1 
ATOM   162 N  N9    . A   A 1 8  ? 1.127   8.546   -11.877 1.00 20.56 ? 8  A   A N9    1 
ATOM   163 C  C8    . A   A 1 8  ? 0.528   9.755   -11.693 1.00 17.54 ? 8  A   A C8    1 
ATOM   164 N  N7    . A   A 1 8  ? 1.315   10.645  -11.139 1.00 21.32 ? 8  A   A N7    1 
ATOM   165 C  C5    . A   A 1 8  ? 2.517   9.970   -10.946 1.00 18.62 ? 8  A   A C5    1 
ATOM   166 C  C6    . A   A 1 8  ? 3.768   10.368  -10.414 1.00 19.37 ? 8  A   A C6    1 
ATOM   167 N  N6    . A   A 1 8  ? 4.015   11.594  -9.969  1.00 19.98 ? 8  A   A N6    1 
ATOM   168 N  N1    . A   A 1 8  ? 4.757   9.437   -10.350 1.00 20.23 ? 8  A   A N1    1 
ATOM   169 C  C2    . A   A 1 8  ? 4.515   8.213   -10.821 1.00 16.88 ? 8  A   A C2    1 
ATOM   170 N  N3    . A   A 1 8  ? 3.381   7.729   -11.354 1.00 20.96 ? 8  A   A N3    1 
ATOM   171 C  C4    . A   A 1 8  ? 2.417   8.674   -11.391 1.00 18.44 ? 8  A   A C4    1 
ATOM   172 P  P     . G   A 1 9  ? -1.649  3.481   -12.955 1.00 25.60 ? 9  G   A P     1 
ATOM   173 O  OP1   . G   A 1 9  ? -0.781  2.420   -13.487 1.00 32.17 ? 9  G   A OP1   1 
ATOM   174 O  OP2   . G   A 1 9  ? -2.899  3.848   -13.645 1.00 27.16 ? 9  G   A OP2   1 
ATOM   175 O  "O5'" . G   A 1 9  ? -2.044  3.176   -11.445 1.00 23.45 ? 9  G   A "O5'" 1 
ATOM   176 C  "C5'" . G   A 1 9  ? -1.244  2.415   -10.634 1.00 19.46 ? 9  G   A "C5'" 1 
ATOM   177 C  "C4'" . G   A 1 9  ? -2.129  1.616   -9.725  1.00 18.46 ? 9  G   A "C4'" 1 
ATOM   178 O  "O4'" . G   A 1 9  ? -1.305  0.818   -8.835  1.00 19.82 ? 9  G   A "O4'" 1 
ATOM   179 C  "C3'" . G   A 1 9  ? -3.025  2.468   -8.810  1.00 20.60 ? 9  G   A "C3'" 1 
ATOM   180 O  "O3'" . G   A 1 9  ? -4.229  1.765   -8.499  1.00 20.73 ? 9  G   A "O3'" 1 
ATOM   181 C  "C2'" . G   A 1 9  ? -2.182  2.546   -7.579  1.00 19.97 ? 9  G   A "C2'" 1 
ATOM   182 O  "O2'" . G   A 1 9  ? -2.956  2.886   -6.443  1.00 19.55 ? 9  G   A "O2'" 1 
ATOM   183 C  "C1'" . G   A 1 9  ? -1.730  1.074   -7.532  1.00 17.90 ? 9  G   A "C1'" 1 
ATOM   184 N  N9    . G   A 1 9  ? -0.661  0.812   -6.590  1.00 13.99 ? 9  G   A N9    1 
ATOM   185 C  C8    . G   A 1 9  ? 0.423   1.621   -6.329  1.00 14.04 ? 9  G   A C8    1 
ATOM   186 N  N7    . G   A 1 9  ? 1.157   1.198   -5.337  1.00 13.11 ? 9  G   A N7    1 
ATOM   187 C  C5    . G   A 1 9  ? 0.498   0.048   -4.894  1.00 11.96 ? 9  G   A C5    1 
ATOM   188 C  C6    . G   A 1 9  ? 0.836   -0.837  -3.862  1.00 9.84  ? 9  G   A C6    1 
ATOM   189 O  O6    . G   A 1 9  ? 1.795   -0.774  -3.106  1.00 13.43 ? 9  G   A O6    1 
ATOM   190 N  N1    . G   A 1 9  ? -0.079  -1.876  -3.738  1.00 10.37 ? 9  G   A N1    1 
ATOM   191 C  C2    . G   A 1 9  ? -1.178  -2.038  -4.524  1.00 12.15 ? 9  G   A C2    1 
ATOM   192 N  N2    . G   A 1 9  ? -1.950  -3.106  -4.252  1.00 13.99 ? 9  G   A N2    1 
ATOM   193 N  N3    . G   A 1 9  ? -1.505  -1.210  -5.523  1.00 12.81 ? 9  G   A N3    1 
ATOM   194 C  C4    . G   A 1 9  ? -0.623  -0.194  -5.644  1.00 11.00 ? 9  G   A C4    1 
ATOM   195 P  P     . G   A 1 10 ? -5.638  2.191   -9.118  1.00 19.50 ? 10 G   A P     1 
ATOM   196 O  OP1   . G   A 1 10 ? -5.690  1.714   -10.518 1.00 22.42 ? 10 G   A OP1   1 
ATOM   197 O  OP2   . G   A 1 10 ? -5.875  3.615   -8.816  1.00 19.14 ? 10 G   A OP2   1 
ATOM   198 O  "O5'" . G   A 1 10 ? -6.639  1.327   -8.248  1.00 20.87 ? 10 G   A "O5'" 1 
ATOM   199 C  "C5'" . G   A 1 10 ? -6.721  1.551   -6.889  1.00 21.55 ? 10 G   A "C5'" 1 
ATOM   200 C  "C4'" . G   A 1 10 ? -7.032  0.280   -6.172  1.00 22.19 ? 10 G   A "C4'" 1 
ATOM   201 O  "O4'" . G   A 1 10 ? -5.806  -0.454  -5.995  1.00 19.87 ? 10 G   A "O4'" 1 
ATOM   202 C  "C3'" . G   A 1 10 ? -7.588  0.481   -4.781  1.00 23.13 ? 10 G   A "C3'" 1 
ATOM   203 O  "O3'" . G   A 1 10 ? -9.022  0.600   -4.839  1.00 24.54 ? 10 G   A "O3'" 1 
ATOM   204 C  "C2'" . G   A 1 10 ? -7.125  -0.795  -4.067  1.00 25.42 ? 10 G   A "C2'" 1 
ATOM   205 O  "O2'" . G   A 1 10 ? -7.941  -1.920  -4.360  1.00 27.43 ? 10 G   A "O2'" 1 
ATOM   206 C  "C1'" . G   A 1 10 ? -5.758  -1.006  -4.695  1.00 20.54 ? 10 G   A "C1'" 1 
ATOM   207 N  N9    . G   A 1 10 ? -4.630  -0.422  -3.972  1.00 16.64 ? 10 G   A N9    1 
ATOM   208 C  C8    . G   A 1 10 ? -3.880  0.656   -4.350  1.00 13.55 ? 10 G   A C8    1 
ATOM   209 N  N7    . G   A 1 10 ? -2.874  0.897   -3.542  1.00 18.11 ? 10 G   A N7    1 
ATOM   210 C  C5    . G   A 1 10 ? -2.963  -0.095  -2.576  1.00 16.15 ? 10 G   A C5    1 
ATOM   211 C  C6    . G   A 1 10 ? -2.148  -0.353  -1.443  1.00 15.37 ? 10 G   A C6    1 
ATOM   212 O  O6    . G   A 1 10 ? -1.146  0.260   -1.055  1.00 17.27 ? 10 G   A O6    1 
ATOM   213 N  N1    . G   A 1 10 ? -2.601  -1.458  -0.721  1.00 16.75 ? 10 G   A N1    1 
ATOM   214 C  C2    . G   A 1 10 ? -3.707  -2.210  -1.041  1.00 12.06 ? 10 G   A C2    1 
ATOM   215 N  N2    . G   A 1 10 ? -3.994  -3.238  -0.213  1.00 12.36 ? 10 G   A N2    1 
ATOM   216 N  N3    . G   A 1 10 ? -4.475  -1.980  -2.099  1.00 15.12 ? 10 G   A N3    1 
ATOM   217 C  C4    . G   A 1 10 ? -4.045  -0.910  -2.819  1.00 15.69 ? 10 G   A C4    1 
ATOM   218 P  P     . G   A 1 11 ? -9.824  1.570   -3.814  1.00 22.86 ? 11 G   A P     1 
ATOM   219 O  OP1   . G   A 1 11 ? -11.101 1.921   -4.448  1.00 24.77 ? 11 G   A OP1   1 
ATOM   220 O  OP2   . G   A 1 11 ? -8.906  2.638   -3.368  1.00 23.30 ? 11 G   A OP2   1 
ATOM   221 O  "O5'" . G   A 1 11 ? -10.105 0.646   -2.562  1.00 22.62 ? 11 G   A "O5'" 1 
ATOM   222 C  "C5'" . G   A 1 11 ? -10.636 -0.645  -2.724  1.00 23.63 ? 11 G   A "C5'" 1 
ATOM   223 C  "C4'" . G   A 1 11 ? -10.515 -1.394  -1.435  1.00 24.17 ? 11 G   A "C4'" 1 
ATOM   224 O  "O4'" . G   A 1 11 ? -9.108  -1.552  -1.110  1.00 22.86 ? 11 G   A "O4'" 1 
ATOM   225 C  "C3'" . G   A 1 11 ? -11.129 -0.668  -0.233  1.00 29.11 ? 11 G   A "C3'" 1 
ATOM   226 O  "O3'" . G   A 1 11 ? -11.629 -1.613  0.701   1.00 34.38 ? 11 G   A "O3'" 1 
ATOM   227 C  "C2'" . G   A 1 11 ? -9.936  0.091   0.340   1.00 26.63 ? 11 G   A "C2'" 1 
ATOM   228 O  "O2'" . G   A 1 11 ? -10.059 0.378   1.718   1.00 25.09 ? 11 G   A "O2'" 1 
ATOM   229 C  "C1'" . G   A 1 11 ? -8.826  -0.913  0.135   1.00 22.83 ? 11 G   A "C1'" 1 
ATOM   230 N  N9    . G   A 1 11 ? -7.552  -0.253  0.059   1.00 17.52 ? 11 G   A N9    1 
ATOM   231 C  C8    . G   A 1 11 ? -7.201  0.731   -0.842  1.00 14.49 ? 11 G   A C8    1 
ATOM   232 N  N7    . G   A 1 11 ? -6.003  1.189   -0.662  1.00 15.41 ? 11 G   A N7    1 
ATOM   233 C  C5    . G   A 1 11 ? -5.543  0.495   0.461   1.00 15.50 ? 11 G   A C5    1 
ATOM   234 C  C6    . G   A 1 11 ? -4.308  0.583   1.136   1.00 17.78 ? 11 G   A C6    1 
ATOM   235 O  O6    . G   A 1 11 ? -3.329  1.303   0.857   1.00 23.87 ? 11 G   A O6    1 
ATOM   236 N  N1    . G   A 1 11 ? -4.240  -0.300  2.211   1.00 17.16 ? 11 G   A N1    1 
ATOM   237 C  C2    . G   A 1 11 ? -5.238  -1.158  2.585   1.00 15.91 ? 11 G   A C2    1 
ATOM   238 N  N2    . G   A 1 11 ? -4.979  -1.922  3.658   1.00 18.50 ? 11 G   A N2    1 
ATOM   239 N  N3    . G   A 1 11 ? -6.414  -1.248  1.967   1.00 15.04 ? 11 G   A N3    1 
ATOM   240 C  C4    . G   A 1 11 ? -6.498  -0.385  0.923   1.00 13.81 ? 11 G   A C4    1 
ATOM   241 P  P     . U   A 1 12 ? -13.189 -1.939  0.729   1.00 36.17 ? 12 U   A P     1 
ATOM   242 O  OP1   . U   A 1 12 ? -13.657 -2.047  -0.677  1.00 32.80 ? 12 U   A OP1   1 
ATOM   243 O  OP2   . U   A 1 12 ? -13.831 -0.974  1.653   1.00 34.48 ? 12 U   A OP2   1 
ATOM   244 O  "O5'" . U   A 1 12 ? -13.215 -3.389  1.413   1.00 34.76 ? 12 U   A "O5'" 1 
ATOM   245 C  "C5'" . U   A 1 12 ? -12.306 -3.578  2.627   0.00 30.62 ? 12 U   A "C5'" 1 
ATOM   246 C  "C4'" . U   A 1 12 ? -12.834 -2.877  3.868   0.00 30.80 ? 12 U   A "C4'" 1 
ATOM   247 O  "O4'" . U   A 1 12 ? -12.508 -3.666  5.037   0.00 30.89 ? 12 U   A "O4'" 1 
ATOM   248 C  "C3'" . U   A 1 12 ? -12.240 -1.479  4.122   0.00 30.88 ? 12 U   A "C3'" 1 
ATOM   249 O  "O3'" . U   A 1 12 ? -13.235 -0.484  3.930   0.00 30.87 ? 12 U   A "O3'" 1 
ATOM   250 C  "C2'" . U   A 1 12 ? -11.780 -1.539  5.582   0.00 30.91 ? 12 U   A "C2'" 1 
ATOM   251 O  "O2'" . U   A 1 12 ? -12.792 -1.131  6.483   0.00 30.87 ? 12 U   A "O2'" 1 
ATOM   252 C  "C1'" . U   A 1 12 ? -11.495 -3.016  5.750   0.00 30.91 ? 12 U   A "C1'" 1 
ATOM   253 N  N1    . U   A 1 12 ? -10.192 -3.427  5.174   0.00 30.82 ? 12 U   A N1    1 
ATOM   254 C  C2    . U   A 1 12 ? -9.357  -4.242  5.903   0.00 30.73 ? 12 U   A C2    1 
ATOM   255 O  O2    . U   A 1 12 ? -9.631  -4.653  7.017   0.00 30.55 ? 12 U   A O2    1 
ATOM   256 N  N3    . U   A 1 12 ? -8.179  -4.565  5.279   0.00 30.73 ? 12 U   A N3    1 
ATOM   257 C  C4    . U   A 1 12 ? -7.762  -4.160  4.025   0.00 30.70 ? 12 U   A C4    1 
ATOM   258 O  O4    . U   A 1 12 ? -6.674  -4.529  3.598   0.00 30.57 ? 12 U   A O4    1 
ATOM   259 C  C5    . U   A 1 12 ? -8.688  -3.311  3.326   0.00 30.77 ? 12 U   A C5    1 
ATOM   260 C  C6    . U   A 1 12 ? -9.843  -2.984  3.915   0.00 30.79 ? 12 U   A C6    1 
HETATM 261 O  "O5'" . 5BU B 1 1  ? -0.014  -4.021  -11.157 1.00 21.80 ? 13 5BU B "O5'" 1 
HETATM 262 C  "C5'" . 5BU B 1 1  ? -0.912  -4.769  -11.972 1.00 21.20 ? 13 5BU B "C5'" 1 
HETATM 263 C  "C4'" . 5BU B 1 1  ? -1.003  -6.205  -11.484 1.00 22.55 ? 13 5BU B "C4'" 1 
HETATM 264 O  "O4'" . 5BU B 1 1  ? 0.333   -6.743  -11.316 1.00 20.92 ? 13 5BU B "O4'" 1 
HETATM 265 C  "C3'" . 5BU B 1 1  ? -1.644  -6.372  -10.122 1.00 22.11 ? 13 5BU B "C3'" 1 
HETATM 266 O  "O3'" . 5BU B 1 1  ? -3.035  -6.446  -10.257 1.00 25.11 ? 13 5BU B "O3'" 1 
HETATM 267 C  "C2'" . 5BU B 1 1  ? -1.066  -7.702  -9.671  1.00 21.76 ? 13 5BU B "C2'" 1 
HETATM 268 O  "O2'" . 5BU B 1 1  ? -1.741  -8.793  -10.273 1.00 24.65 ? 13 5BU B "O2'" 1 
HETATM 269 C  "C1'" . 5BU B 1 1  ? 0.350   -7.625  -10.213 1.00 19.80 ? 13 5BU B "C1'" 1 
HETATM 270 N  N1    . 5BU B 1 1  ? 1.346   -7.169  -9.250  1.00 18.10 ? 13 5BU B N1    1 
HETATM 271 C  C2    . 5BU B 1 1  ? 1.558   -7.905  -8.115  1.00 19.05 ? 13 5BU B C2    1 
HETATM 272 O  O2    . 5BU B 1 1  ? 0.897   -8.888  -7.827  1.00 24.41 ? 13 5BU B O2    1 
HETATM 273 N  N3    . 5BU B 1 1  ? 2.547   -7.430  -7.298  1.00 16.17 ? 13 5BU B N3    1 
HETATM 274 C  C4    . 5BU B 1 1  ? 3.353   -6.343  -7.526  1.00 15.98 ? 13 5BU B C4    1 
HETATM 275 O  O4    . 5BU B 1 1  ? 4.222   -6.056  -6.727  1.00 17.98 ? 13 5BU B O4    1 
HETATM 276 C  C5    . 5BU B 1 1  ? 3.084   -5.634  -8.729  1.00 15.74 ? 13 5BU B C5    1 
HETATM 277 C  C6    . 5BU B 1 1  ? 2.117   -6.066  -9.542  1.00 15.48 ? 13 5BU B C6    1 
HETATM 278 BR BR    . 5BU B 1 1  ? 4.104   -4.136  -9.166  1.00 11.90 ? 13 5BU B BR    1 
ATOM   279 P  P     . A   B 1 2  ? -3.975  -5.864  -9.121  1.00 17.94 ? 14 A   B P     1 
ATOM   280 O  OP1   . A   B 1 2  ? -5.359  -5.941  -9.597  1.00 23.84 ? 14 A   B OP1   1 
ATOM   281 O  OP2   . A   B 1 2  ? -3.412  -4.583  -8.717  1.00 26.11 ? 14 A   B OP2   1 
ATOM   282 O  "O5'" . A   B 1 2  ? -3.772  -6.861  -7.917  1.00 23.33 ? 14 A   B "O5'" 1 
ATOM   283 C  "C5'" . A   B 1 2  ? -4.364  -8.153  -7.911  1.00 21.05 ? 14 A   B "C5'" 1 
ATOM   284 C  "C4'" . A   B 1 2  ? -3.903  -8.904  -6.681  1.00 20.60 ? 14 A   B "C4'" 1 
ATOM   285 O  "O4'" . A   B 1 2  ? -2.473  -8.941  -6.672  1.00 20.45 ? 14 A   B "O4'" 1 
ATOM   286 C  "C3'" . A   B 1 2  ? -4.216  -8.216  -5.370  1.00 21.76 ? 14 A   B "C3'" 1 
ATOM   287 O  "O3'" . A   B 1 2  ? -5.546  -8.446  -4.985  1.00 25.92 ? 14 A   B "O3'" 1 
ATOM   288 C  "C2'" . A   B 1 2  ? -3.238  -8.898  -4.442  1.00 22.59 ? 14 A   B "C2'" 1 
ATOM   289 O  "O2'" . A   B 1 2  ? -3.620  -10.214 -4.126  1.00 20.19 ? 14 A   B "O2'" 1 
ATOM   290 C  "C1'" . A   B 1 2  ? -2.012  -8.929  -5.321  1.00 19.05 ? 14 A   B "C1'" 1 
ATOM   291 N  N9    . A   B 1 2  ? -1.135  -7.793  -5.152  1.00 17.04 ? 14 A   B N9    1 
ATOM   292 C  C8    . A   B 1 2  ? -0.991  -6.731  -6.006  1.00 14.23 ? 14 A   B C8    1 
ATOM   293 N  N7    . A   B 1 2  ? -0.079  -5.875  -5.628  1.00 15.28 ? 14 A   B N7    1 
ATOM   294 C  C5    . A   B 1 2  ? 0.441   -6.432  -4.461  1.00 11.77 ? 14 A   B C5    1 
ATOM   295 C  C6    . A   B 1 2  ? 1.448   -6.018  -3.578  1.00 12.97 ? 14 A   B C6    1 
ATOM   296 N  N6    . A   B 1 2  ? 2.190   -4.925  -3.753  1.00 13.67 ? 14 A   B N6    1 
ATOM   297 N  N1    . A   B 1 2  ? 1.674   -6.778  -2.495  1.00 16.21 ? 14 A   B N1    1 
ATOM   298 C  C2    . A   B 1 2  ? 0.943   -7.883  -2.316  1.00 12.64 ? 14 A   B C2    1 
ATOM   299 N  N3    . A   B 1 2  ? -0.005  -8.386  -3.084  1.00 15.38 ? 14 A   B N3    1 
ATOM   300 C  C4    . A   B 1 2  ? -0.218  -7.600  -4.147  1.00 13.99 ? 14 A   B C4    1 
ATOM   301 P  P     . G   B 1 3  ? -6.321  -7.344  -4.123  1.00 22.16 ? 15 G   B P     1 
ATOM   302 O  OP1   . G   B 1 3  ? -7.736  -7.698  -4.136  1.00 24.34 ? 15 G   B OP1   1 
ATOM   303 O  OP2   . G   B 1 3  ? -5.879  -6.007  -4.577  1.00 22.37 ? 15 G   B OP2   1 
ATOM   304 O  "O5'" . G   B 1 3  ? -5.742  -7.546  -2.673  1.00 20.36 ? 15 G   B "O5'" 1 
ATOM   305 C  "C5'" . G   B 1 3  ? -6.284  -8.466  -1.791  1.00 22.94 ? 15 G   B "C5'" 1 
ATOM   306 C  "C4'" . G   B 1 3  ? -5.210  -8.827  -0.823  1.00 26.78 ? 15 G   B "C4'" 1 
ATOM   307 O  "O4'" . G   B 1 3  ? -3.989  -8.444  -1.442  1.00 28.10 ? 15 G   B "O4'" 1 
ATOM   308 C  "C3'" . G   B 1 3  ? -5.222  -8.065  0.504   1.00 30.29 ? 15 G   B "C3'" 1 
ATOM   309 O  "O3'" . G   B 1 3  ? -5.923  -8.811  1.460   1.00 34.31 ? 15 G   B "O3'" 1 
ATOM   310 C  "C2'" . G   B 1 3  ? -3.742  -8.012  0.870   1.00 30.58 ? 15 G   B "C2'" 1 
ATOM   311 O  "O2'" . G   B 1 3  ? -3.309  -9.171  1.567   1.00 32.33 ? 15 G   B "O2'" 1 
ATOM   312 C  "C1'" . G   B 1 3  ? -3.071  -7.995  -0.484  1.00 27.23 ? 15 G   B "C1'" 1 
ATOM   313 N  N9    . G   B 1 3  ? -2.513  -6.711  -0.901  1.00 20.45 ? 15 G   B N9    1 
ATOM   314 C  C8    . G   B 1 3  ? -2.868  -5.961  -1.992  1.00 14.00 ? 15 G   B C8    1 
ATOM   315 N  N7    . G   B 1 3  ? -2.097  -4.922  -2.169  1.00 16.74 ? 15 G   B N7    1 
ATOM   316 C  C5    . G   B 1 3  ? -1.174  -5.015  -1.132  1.00 16.98 ? 15 G   B C5    1 
ATOM   317 C  C6    . G   B 1 3  ? -0.094  -4.182  -0.802  1.00 19.32 ? 15 G   B C6    1 
ATOM   318 O  O6    . G   B 1 3  ? 0.286   -3.160  -1.378  1.00 22.04 ? 15 G   B O6    1 
ATOM   319 N  N1    . G   B 1 3  ? 0.584   -4.635  0.323   1.00 20.55 ? 15 G   B N1    1 
ATOM   320 C  C2    . G   B 1 3  ? 0.267   -5.774  1.031   1.00 19.42 ? 15 G   B C2    1 
ATOM   321 N  N2    . G   B 1 3  ? 1.043   -6.061  2.094   1.00 19.06 ? 15 G   B N2    1 
ATOM   322 N  N3    . G   B 1 3  ? -0.743  -6.560  0.730   1.00 20.68 ? 15 G   B N3    1 
ATOM   323 C  C4    . G   B 1 3  ? -1.419  -6.114  -0.360  1.00 16.48 ? 15 G   B C4    1 
ATOM   324 P  P     . G   B 1 4  ? -6.664  -8.099  2.686   1.00 37.30 ? 16 G   B P     1 
ATOM   325 O  OP1   . G   B 1 4  ? -7.343  -9.167  3.441   1.00 37.32 ? 16 G   B OP1   1 
ATOM   326 O  OP2   . G   B 1 4  ? -7.442  -6.950  2.152   1.00 38.07 ? 16 G   B OP2   1 
ATOM   327 O  "O5'" . G   B 1 4  ? -5.477  -7.528  3.589   1.00 30.35 ? 16 G   B "O5'" 1 
ATOM   328 C  "C5'" . G   B 1 4  ? -5.139  -8.225  4.738   1.00 26.91 ? 16 G   B "C5'" 1 
ATOM   329 C  "C4'" . G   B 1 4  ? -3.914  -7.647  5.386   1.00 25.36 ? 16 G   B "C4'" 1 
ATOM   330 O  "O4'" . G   B 1 4  ? -2.936  -7.318  4.390   1.00 26.68 ? 16 G   B "O4'" 1 
ATOM   331 C  "C3'" . G   B 1 4  ? -4.121  -6.344  6.088   1.00 24.52 ? 16 G   B "C3'" 1 
ATOM   332 O  "O3'" . G   B 1 4  ? -4.747  -6.564  7.306   1.00 29.02 ? 16 G   B "O3'" 1 
ATOM   333 C  "C2'" . G   B 1 4  ? -2.677  -5.915  6.268   1.00 24.13 ? 16 G   B "C2'" 1 
ATOM   334 O  "O2'" . G   B 1 4  ? -2.012  -6.684  7.229   1.00 24.41 ? 16 G   B "O2'" 1 
ATOM   335 C  "C1'" . G   B 1 4  ? -2.119  -6.264  4.903   1.00 24.76 ? 16 G   B "C1'" 1 
ATOM   336 N  N9    . G   B 1 4  ? -2.104  -5.152  3.937   1.00 19.53 ? 16 G   B N9    1 
ATOM   337 C  C8    . G   B 1 4  ? -2.958  -4.964  2.875   1.00 15.71 ? 16 G   B C8    1 
ATOM   338 N  N7    . G   B 1 4  ? -2.648  -3.926  2.145   1.00 17.66 ? 16 G   B N7    1 
ATOM   339 C  C5    . G   B 1 4  ? -1.509  -3.405  2.765   1.00 16.71 ? 16 G   B C5    1 
ATOM   340 C  C6    . G   B 1 4  ? -0.720  -2.281  2.422   1.00 15.57 ? 16 G   B C6    1 
ATOM   341 O  O6    . G   B 1 4  ? -0.864  -1.529  1.468   1.00 21.78 ? 16 G   B O6    1 
ATOM   342 N  N1    . G   B 1 4  ? 0.324   -2.081  3.303   1.00 15.71 ? 16 G   B N1    1 
ATOM   343 C  C2    . G   B 1 4  ? 0.603   -2.892  4.388   1.00 18.24 ? 16 G   B C2    1 
ATOM   344 N  N2    . G   B 1 4  ? 1.676   -2.554  5.138   1.00 14.95 ? 16 G   B N2    1 
ATOM   345 N  N3    . G   B 1 4  ? -0.127  -3.955  4.719   1.00 17.09 ? 16 G   B N3    1 
ATOM   346 C  C4    . G   B 1 4  ? -1.168  -4.145  3.863   1.00 15.85 ? 16 G   B C4    1 
ATOM   347 P  P     . G   B 1 5  ? -5.738  -5.473  7.936   1.00 26.82 ? 17 G   B P     1 
ATOM   348 O  OP1   . G   B 1 5  ? -6.759  -6.199  8.722   1.00 30.53 ? 17 G   B OP1   1 
ATOM   349 O  OP2   . G   B 1 5  ? -6.162  -4.535  6.872   1.00 30.72 ? 17 G   B OP2   1 
ATOM   350 O  "O5'" . G   B 1 5  ? -4.780  -4.703  8.924   1.00 26.97 ? 17 G   B "O5'" 1 
ATOM   351 C  "C5'" . G   B 1 5  ? -3.800  -5.424  9.654   1.00 29.07 ? 17 G   B "C5'" 1 
ATOM   352 C  "C4'" . G   B 1 5  ? -2.726  -4.479  10.129  1.00 31.39 ? 17 G   B "C4'" 1 
ATOM   353 O  "O4'" . G   B 1 5  ? -1.946  -4.027  8.986   1.00 31.40 ? 17 G   B "O4'" 1 
ATOM   354 C  "C3'" . G   B 1 5  ? -3.281  -3.230  10.818  1.00 33.27 ? 17 G   B "C3'" 1 
ATOM   355 O  "O3'" . G   B 1 5  ? -2.676  -3.049  12.080  1.00 37.82 ? 17 G   B "O3'" 1 
ATOM   356 C  "C2'" . G   B 1 5  ? -2.960  -2.079  9.878   1.00 31.68 ? 17 G   B "C2'" 1 
ATOM   357 O  "O2'" . G   B 1 5  ? -2.516  -0.926  10.570  1.00 33.77 ? 17 G   B "O2'" 1 
ATOM   358 C  "C1'" . G   B 1 5  ? -1.844  -2.622  8.977   1.00 29.19 ? 17 G   B "C1'" 1 
ATOM   359 N  N9    . G   B 1 5  ? -2.029  -2.136  7.624   1.00 23.89 ? 17 G   B N9    1 
ATOM   360 C  C8    . G   B 1 5  ? -3.072  -2.440  6.793   1.00 23.11 ? 17 G   B C8    1 
ATOM   361 N  N7    . G   B 1 5  ? -3.077  -1.754  5.691   1.00 23.29 ? 17 G   B N7    1 
ATOM   362 C  C5    . G   B 1 5  ? -1.992  -0.906  5.823   1.00 20.85 ? 17 G   B C5    1 
ATOM   363 C  C6    . G   B 1 5  ? -1.498  0.061   4.937   1.00 19.52 ? 17 G   B C6    1 
ATOM   364 O  O6    . G   B 1 5  ? -1.940  0.364   3.813   1.00 19.06 ? 17 G   B O6    1 
ATOM   365 N  N1    . G   B 1 5  ? -0.376  0.709   5.450   1.00 18.77 ? 17 G   B N1    1 
ATOM   366 C  C2    . G   B 1 5  ? 0.210   0.429   6.657   1.00 16.56 ? 17 G   B C2    1 
ATOM   367 N  N2    . G   B 1 5  ? 1.307   1.143   6.971   1.00 13.39 ? 17 G   B N2    1 
ATOM   368 N  N3    . G   B 1 5  ? -0.247  -0.484  7.499   1.00 20.22 ? 17 G   B N3    1 
ATOM   369 C  C4    . G   B 1 5  ? -1.350  -1.109  7.017   1.00 21.66 ? 17 G   B C4    1 
ATOM   370 P  P     . U   B 1 6  ? -3.589  -2.874  13.380  1.00 36.59 ? 18 U   B P     1 
ATOM   371 O  OP1   . U   B 1 6  ? -4.937  -2.466  12.922  1.00 38.20 ? 18 U   B OP1   1 
ATOM   372 O  OP2   . U   B 1 6  ? -2.837  -2.028  14.320  1.00 38.93 ? 18 U   B OP2   1 
ATOM   373 O  "O5'" . U   B 1 6  ? -3.801  -4.392  13.961  0.00 31.59 ? 18 U   B "O5'" 1 
ATOM   374 C  "C5'" . U   B 1 6  ? -2.887  -5.443  13.645  0.00 29.27 ? 18 U   B "C5'" 1 
ATOM   375 C  "C4'" . U   B 1 6  ? -3.471  -6.789  14.051  0.00 27.72 ? 18 U   B "C4'" 1 
ATOM   376 O  "O4'" . U   B 1 6  ? -4.477  -7.184  13.100  0.00 27.11 ? 18 U   B "O4'" 1 
ATOM   377 C  "C3'" . U   B 1 6  ? -2.468  -7.949  14.114  0.00 26.91 ? 18 U   B "C3'" 1 
ATOM   378 O  "O3'" . U   B 1 6  ? -2.290  -8.363  15.461  0.00 26.29 ? 18 U   B "O3'" 1 
ATOM   379 C  "C2'" . U   B 1 6  ? -3.107  -9.067  13.264  0.00 26.60 ? 18 U   B "C2'" 1 
ATOM   380 O  "O2'" . U   B 1 6  ? -3.105  -10.315 13.927  0.00 26.50 ? 18 U   B "O2'" 1 
ATOM   381 C  "C1'" . U   B 1 6  ? -4.538  -8.581  13.063  0.00 26.34 ? 18 U   B "C1'" 1 
ATOM   382 N  N1    . U   B 1 6  ? -5.121  -8.990  11.752  0.00 25.71 ? 18 U   B N1    1 
ATOM   383 C  C2    . U   B 1 6  ? -6.448  -9.363  11.687  0.00 25.43 ? 18 U   B C2    1 
ATOM   384 O  O2    . U   B 1 6  ? -7.186  -9.375  12.656  0.00 25.27 ? 18 U   B O2    1 
ATOM   385 N  N3    . U   B 1 6  ? -6.885  -9.722  10.436  0.00 25.18 ? 18 U   B N3    1 
ATOM   386 C  C4    . U   B 1 6  ? -6.143  -9.745  9.269   0.00 25.04 ? 18 U   B C4    1 
ATOM   387 O  O4    . U   B 1 6  ? -6.673  -10.089 8.218   0.00 24.73 ? 18 U   B O4    1 
ATOM   388 C  C5    . U   B 1 6  ? -4.768  -9.344  9.420   0.00 25.05 ? 18 U   B C5    1 
ATOM   389 C  C6    . U   B 1 6  ? -4.320  -8.990  10.629  0.00 25.24 ? 18 U   B C6    1 
ATOM   390 P  P     . U   B 1 7  ? -0.925  -9.067  15.907  0.00 25.76 ? 19 U   B P     1 
ATOM   391 O  OP1   . U   B 1 7  ? -1.235  -9.999  17.014  0.00 25.67 ? 19 U   B OP1   1 
ATOM   392 O  OP2   . U   B 1 7  ? 0.092   -8.009  16.099  0.00 25.62 ? 19 U   B OP2   1 
ATOM   393 O  "O5'" . U   B 1 7  ? -0.528  -9.940  14.625  0.00 25.79 ? 19 U   B "O5'" 1 
ATOM   394 C  "C5'" . U   B 1 7  ? 0.195   -11.154 14.795  0.00 25.92 ? 19 U   B "C5'" 1 
ATOM   395 C  "C4'" . U   B 1 7  ? 0.685   -11.697 13.463  0.00 26.08 ? 19 U   B "C4'" 1 
ATOM   396 O  "O4'" . U   B 1 7  ? 0.433   -13.124 13.411  0.00 25.86 ? 19 U   B "O4'" 1 
ATOM   397 C  "C3'" . U   B 1 7  ? -0.004  -11.126 12.234  0.00 26.64 ? 19 U   B "C3'" 1 
ATOM   398 O  "O3'" . U   B 1 7  ? 0.670   -9.955  11.793  0.00 28.01 ? 19 U   B "O3'" 1 
ATOM   399 C  "C2'" . U   B 1 7  ? 0.147   -12.260 11.227  0.00 26.09 ? 19 U   B "C2'" 1 
ATOM   400 O  "O2'" . U   B 1 7  ? 1.416   -12.263 10.604  0.00 26.06 ? 19 U   B "O2'" 1 
ATOM   401 C  "C1'" . U   B 1 7  ? -0.006  -13.492 12.116  0.00 25.58 ? 19 U   B "C1'" 1 
ATOM   402 N  N1    . U   B 1 7  ? -1.410  -13.983 12.209  0.00 25.04 ? 19 U   B N1    1 
ATOM   403 C  C2    . U   B 1 7  ? -1.854  -14.926 11.307  0.00 24.75 ? 19 U   B C2    1 
ATOM   404 O  O2    . U   B 1 7  ? -1.151  -15.393 10.429  0.00 24.64 ? 19 U   B O2    1 
ATOM   405 N  N3    . U   B 1 7  ? -3.163  -15.311 11.471  0.00 24.45 ? 19 U   B N3    1 
ATOM   406 C  C4    . U   B 1 7  ? -4.051  -14.852 12.425  0.00 24.31 ? 19 U   B C4    1 
ATOM   407 O  O4    . U   B 1 7  ? -5.196  -15.289 12.451  0.00 24.25 ? 19 U   B O4    1 
ATOM   408 C  C5    . U   B 1 7  ? -3.514  -13.867 13.328  0.00 24.45 ? 19 U   B C5    1 
ATOM   409 C  C6    . U   B 1 7  ? -2.242  -13.477 13.187  0.00 24.75 ? 19 U   B C6    1 
ATOM   410 P  P     . A   B 1 8  ? 0.147   -9.169  10.497  0.00 29.27 ? 20 A   B P     1 
ATOM   411 O  OP1   . A   B 1 8  ? 1.179   -8.181  10.118  0.00 29.26 ? 20 A   B OP1   1 
ATOM   412 O  OP2   . A   B 1 8  ? -1.236  -8.721  10.767  0.00 29.13 ? 20 A   B OP2   1 
ATOM   413 O  "O5'" . A   B 1 8  ? 0.083   -10.313 9.375   0.00 30.87 ? 20 A   B "O5'" 1 
ATOM   414 C  "C5'" . A   B 1 8  ? 1.282   -10.836 8.809   0.00 33.50 ? 20 A   B "C5'" 1 
ATOM   415 C  "C4'" . A   B 1 8  ? 1.482   -10.327 7.387   0.00 35.61 ? 20 A   B "C4'" 1 
ATOM   416 O  "O4'" . A   B 1 8  ? 0.901   -11.258 6.454   0.00 35.74 ? 20 A   B "O4'" 1 
ATOM   417 C  "C3'" . A   B 1 8  ? 0.832   -8.966  7.084   0.00 37.29 ? 20 A   B "C3'" 1 
ATOM   418 O  "O3'" . A   B 1 8  ? 1.837   -8.041  6.708   0.00 40.38 ? 20 A   B "O3'" 1 
ATOM   419 C  "C2'" . A   B 1 8  ? -0.135  -9.263  5.928   0.00 36.69 ? 20 A   B "C2'" 1 
ATOM   420 O  "O2'" . A   B 1 8  ? 0.426   -8.967  4.664   0.00 36.54 ? 20 A   B "O2'" 1 
ATOM   421 C  "C1'" . A   B 1 8  ? -0.343  -10.761 6.074   0.00 35.88 ? 20 A   B "C1'" 1 
ATOM   422 N  N9    . A   B 1 8  ? -1.288  -11.115 7.124   0.00 35.46 ? 20 A   B N9    1 
ATOM   423 C  C8    . A   B 1 8  ? -1.894  -10.270 8.011   0.00 35.28 ? 20 A   B C8    1 
ATOM   424 N  N7    . A   B 1 8  ? -2.688  -10.877 8.861   0.00 35.12 ? 20 A   B N7    1 
ATOM   425 C  C5    . A   B 1 8  ? -2.583  -12.215 8.514   0.00 35.09 ? 20 A   B C5    1 
ATOM   426 C  C6    . A   B 1 8  ? -3.179  -13.380 9.034   0.00 34.95 ? 20 A   B C6    1 
ATOM   427 N  N6    . A   B 1 8  ? -4.035  -13.373 10.062  0.00 34.95 ? 20 A   B N6    1 
ATOM   428 N  N1    . A   B 1 8  ? -2.861  -14.557 8.457   0.00 34.92 ? 20 A   B N1    1 
ATOM   429 C  C2    . A   B 1 8  ? -2.003  -14.560 7.430   0.00 34.95 ? 20 A   B C2    1 
ATOM   430 N  N3    . A   B 1 8  ? -1.383  -13.532 6.855   0.00 35.10 ? 20 A   B N3    1 
ATOM   431 C  C4    . A   B 1 8  ? -1.719  -12.378 7.450   0.00 35.21 ? 20 A   B C4    1 
ATOM   432 P  P     . G   B 1 9  ? 3.318   -8.202  7.324   1.00 48.03 ? 21 G   B P     1 
ATOM   433 O  OP1   . G   B 1 9  ? 4.252   -9.015  6.512   1.00 50.12 ? 21 G   B OP1   1 
ATOM   434 O  OP2   . G   B 1 9  ? 2.918   -8.656  8.686   1.00 49.51 ? 21 G   B OP2   1 
ATOM   435 O  "O5'" . G   B 1 9  ? 3.911   -6.722  7.418   1.00 45.22 ? 21 G   B "O5'" 1 
ATOM   436 C  "C5'" . G   B 1 9  ? 4.917   -6.410  8.368   1.00 41.70 ? 21 G   B "C5'" 1 
ATOM   437 C  "C4'" . G   B 1 9  ? 5.964   -5.541  7.725   1.00 40.22 ? 21 G   B "C4'" 1 
ATOM   438 O  "O4'" . G   B 1 9  ? 6.014   -5.873  6.326   1.00 38.42 ? 21 G   B "O4'" 1 
ATOM   439 C  "C3'" . G   B 1 9  ? 5.664   -4.046  7.741   1.00 39.45 ? 21 G   B "C3'" 1 
ATOM   440 O  "O3'" . G   B 1 9  ? 6.148   -3.436  8.942   1.00 42.70 ? 21 G   B "O3'" 1 
ATOM   441 C  "C2'" . G   B 1 9  ? 6.442   -3.561  6.539   1.00 36.43 ? 21 G   B "C2'" 1 
ATOM   442 O  "O2'" . G   B 1 9  ? 7.820   -3.429  6.810   1.00 36.24 ? 21 G   B "O2'" 1 
ATOM   443 C  "C1'" . G   B 1 9  ? 6.224   -4.699  5.566   1.00 34.56 ? 21 G   B "C1'" 1 
ATOM   444 N  N9    . G   B 1 9  ? 5.105   -4.485  4.614   1.00 29.67 ? 21 G   B N9    1 
ATOM   445 C  C8    . G   B 1 9  ? 3.944   -5.228  4.465   1.00 25.93 ? 21 G   B C8    1 
ATOM   446 N  N7    . G   B 1 9  ? 3.176   -4.799  3.482   1.00 24.47 ? 21 G   B N7    1 
ATOM   447 C  C5    . G   B 1 9  ? 3.897   -3.710  2.949   1.00 23.07 ? 21 G   B C5    1 
ATOM   448 C  C6    . G   B 1 9  ? 3.605   -2.838  1.851   1.00 18.92 ? 21 G   B C6    1 
ATOM   449 O  O6    . G   B 1 9  ? 2.620   -2.849  1.088   1.00 21.38 ? 21 G   B O6    1 
ATOM   450 N  N1    . G   B 1 9  ? 4.609   -1.890  1.673   1.00 19.21 ? 21 G   B N1    1 
ATOM   451 C  C2    . G   B 1 9  ? 5.750   -1.786  2.453   1.00 19.95 ? 21 G   B C2    1 
ATOM   452 N  N2    . G   B 1 9  ? 6.627   -0.815  2.134   1.00 20.52 ? 21 G   B N2    1 
ATOM   453 N  N3    . G   B 1 9  ? 6.027   -2.585  3.452   1.00 22.77 ? 21 G   B N3    1 
ATOM   454 C  C4    . G   B 1 9  ? 5.070   -3.519  3.644   1.00 24.23 ? 21 G   B C4    1 
ATOM   455 P  P     . G   B 1 10 ? 5.402   -2.136  9.545   1.00 39.50 ? 22 G   B P     1 
ATOM   456 O  OP1   . G   B 1 10 ? 5.954   -1.901  10.895  1.00 41.47 ? 22 G   B OP1   1 
ATOM   457 O  OP2   . G   B 1 10 ? 3.930   -2.308  9.346   1.00 36.20 ? 22 G   B OP2   1 
ATOM   458 O  "O5'" . G   B 1 10 ? 5.904   -0.972  8.606   1.00 36.38 ? 22 G   B "O5'" 1 
ATOM   459 C  "C5'" . G   B 1 10 ? 7.257   -0.626  8.624   1.00 34.97 ? 22 G   B "C5'" 1 
ATOM   460 C  "C4'" . G   B 1 10 ? 7.500   0.501   7.664   1.00 36.43 ? 22 G   B "C4'" 1 
ATOM   461 O  "O4'" . G   B 1 10 ? 7.254   0.043   6.325   1.00 34.42 ? 22 G   B "O4'" 1 
ATOM   462 C  "C3'" . G   B 1 10 ? 6.547   1.662   7.826   1.00 34.81 ? 22 G   B "C3'" 1 
ATOM   463 O  "O3'" . G   B 1 10 ? 7.022   2.508   8.821   1.00 38.18 ? 22 G   B "O3'" 1 
ATOM   464 C  "C2'" . G   B 1 10 ? 6.657   2.313   6.479   1.00 32.84 ? 22 G   B "C2'" 1 
ATOM   465 O  "O2'" . G   B 1 10 ? 7.878   2.998   6.344   1.00 31.33 ? 22 G   B "O2'" 1 
ATOM   466 C  "C1'" . G   B 1 10 ? 6.675   1.099   5.581   1.00 32.47 ? 22 G   B "C1'" 1 
ATOM   467 N  N9    . G   B 1 10 ? 5.368   0.673   5.092   1.00 28.81 ? 22 G   B N9    1 
ATOM   468 C  C8    . G   B 1 10 ? 4.605   -0.371  5.563   1.00 27.17 ? 22 G   B C8    1 
ATOM   469 N  N7    . G   B 1 10 ? 3.513   -0.564  4.875   1.00 26.32 ? 22 G   B N7    1 
ATOM   470 C  C5    . G   B 1 10 ? 3.572   0.410   3.872   1.00 25.49 ? 22 G   B C5    1 
ATOM   471 C  C6    . G   B 1 10 ? 2.668   0.686   2.801   1.00 25.20 ? 22 G   B C6    1 
ATOM   472 O  O6    . G   B 1 10 ? 1.591   0.105   2.530   1.00 27.14 ? 22 G   B O6    1 
ATOM   473 N  N1    . G   B 1 10 ? 3.104   1.760   2.016   1.00 19.70 ? 22 G   B N1    1 
ATOM   474 C  C2    . G   B 1 10 ? 4.262   2.472   2.239   1.00 21.16 ? 22 G   B C2    1 
ATOM   475 N  N2    . G   B 1 10 ? 4.519   3.478   1.395   1.00 21.21 ? 22 G   B N2    1 
ATOM   476 N  N3    . G   B 1 10 ? 5.127   2.201   3.216   1.00 25.50 ? 22 G   B N3    1 
ATOM   477 C  C4    . G   B 1 10 ? 4.710   1.168   3.996   1.00 25.29 ? 22 G   B C4    1 
ATOM   478 P  P     . G   B 1 11 ? 5.998   3.360   9.692   1.00 35.37 ? 23 G   B P     1 
ATOM   479 O  OP1   . G   B 1 11 ? 6.736   3.817   10.880  1.00 39.98 ? 23 G   B OP1   1 
ATOM   480 O  OP2   . G   B 1 11 ? 4.745   2.595   9.833   1.00 33.76 ? 23 G   B OP2   1 
ATOM   481 O  "O5'" . G   B 1 11 ? 5.696   4.597   8.770   1.00 33.16 ? 23 G   B "O5'" 1 
ATOM   482 C  "C5'" . G   B 1 11 ? 6.747   5.372   8.277   1.00 30.89 ? 23 G   B "C5'" 1 
ATOM   483 C  "C4'" . G   B 1 11 ? 6.202   6.325   7.253   1.00 32.11 ? 23 G   B "C4'" 1 
ATOM   484 O  "O4'" . G   B 1 11 ? 5.856   5.591   6.066   1.00 29.59 ? 23 G   B "O4'" 1 
ATOM   485 C  "C3'" . G   B 1 11 ? 4.905   6.997   7.667   1.00 32.29 ? 23 G   B "C3'" 1 
ATOM   486 O  "O3'" . G   B 1 11 ? 5.194   8.150   8.436   1.00 35.24 ? 23 G   B "O3'" 1 
ATOM   487 C  "C2'" . G   B 1 11 ? 4.305   7.372   6.322   1.00 31.12 ? 23 G   B "C2'" 1 
ATOM   488 O  "O2'" . G   B 1 11 ? 4.854   8.570   5.817   1.00 32.59 ? 23 G   B "O2'" 1 
ATOM   489 C  "C1'" . G   B 1 11 ? 4.736   6.194   5.446   1.00 29.54 ? 23 G   B "C1'" 1 
ATOM   490 N  N9    . G   B 1 11 ? 3.714   5.182   5.279   1.00 26.71 ? 23 G   B N9    1 
ATOM   491 C  C8    . G   B 1 11 ? 3.493   4.067   6.073   1.00 27.15 ? 23 G   B C8    1 
ATOM   492 N  N7    . G   B 1 11 ? 2.499   3.319   5.651   1.00 27.76 ? 23 G   B N7    1 
ATOM   493 C  C5    . G   B 1 11 ? 2.058   3.970   4.495   1.00 25.99 ? 23 G   B C5    1 
ATOM   494 C  C6    . G   B 1 11 ? 1.032   3.628   3.590   1.00 26.18 ? 23 G   B C6    1 
ATOM   495 O  O6    . G   B 1 11 ? 0.277   2.647   3.628   1.00 26.62 ? 23 G   B O6    1 
ATOM   496 N  N1    . G   B 1 11 ? 0.911   4.577   2.559   1.00 26.03 ? 23 G   B N1    1 
ATOM   497 C  C2    . G   B 1 11 ? 1.707   5.706   2.423   1.00 24.03 ? 23 G   B C2    1 
ATOM   498 N  N2    . G   B 1 11 ? 1.469   6.509   1.351   1.00 22.07 ? 23 G   B N2    1 
ATOM   499 N  N3    . G   B 1 11 ? 2.671   6.023   3.263   1.00 23.30 ? 23 G   B N3    1 
ATOM   500 C  C4    . G   B 1 11 ? 2.795   5.120   4.265   1.00 25.38 ? 23 G   B C4    1 
ATOM   501 P  P     . U   B 1 12 ? 4.243   8.592   9.639   1.00 30.99 ? 24 U   B P     1 
ATOM   502 O  OP1   . U   B 1 12 ? 5.036   9.475   10.516  1.00 34.49 ? 24 U   B OP1   1 
ATOM   503 O  OP2   . U   B 1 12 ? 3.604   7.384   10.180  1.00 29.35 ? 24 U   B OP2   1 
ATOM   504 O  "O5'" . U   B 1 12 ? 3.105   9.460   8.927   1.00 29.47 ? 24 U   B "O5'" 1 
ATOM   505 C  "C5'" . U   B 1 12 ? 3.431   10.444  7.954   1.00 29.05 ? 24 U   B "C5'" 1 
ATOM   506 C  "C4'" . U   B 1 12 ? 2.155   10.934  7.256   1.00 32.50 ? 24 U   B "C4'" 1 
ATOM   507 O  "O4'" . U   B 1 12 ? 1.627   9.869   6.399   1.00 34.41 ? 24 U   B "O4'" 1 
ATOM   508 C  "C3'" . U   B 1 12 ? 0.995   11.309  8.196   1.00 30.36 ? 24 U   B "C3'" 1 
ATOM   509 O  "O3'" . U   B 1 12 ? 0.218   12.333  7.617   1.00 29.81 ? 24 U   B "O3'" 1 
ATOM   510 C  "C2'" . U   B 1 12 ? 0.220   10.000  8.277   1.00 31.48 ? 24 U   B "C2'" 1 
ATOM   511 O  "O2'" . U   B 1 12 ? -1.132  10.168  8.667   1.00 29.94 ? 24 U   B "O2'" 1 
ATOM   512 C  "C1'" . U   B 1 12 ? 0.324   9.519   6.826   1.00 32.60 ? 24 U   B "C1'" 1 
ATOM   513 N  N1    . U   B 1 12 ? 0.125   8.039   6.675   1.00 33.02 ? 24 U   B N1    1 
ATOM   514 C  C2    . U   B 1 12 ? -0.467  7.547   5.531   1.00 32.48 ? 24 U   B C2    1 
ATOM   515 O  O2    . U   B 1 12 ? -0.794  8.259   4.598   1.00 32.61 ? 24 U   B O2    1 
ATOM   516 N  N3    . U   B 1 12 ? -0.653  6.174   5.518   1.00 29.17 ? 24 U   B N3    1 
ATOM   517 C  C4    . U   B 1 12 ? -0.305  5.276   6.524   1.00 30.58 ? 24 U   B C4    1 
ATOM   518 O  O4    . U   B 1 12 ? -0.549  4.083   6.392   1.00 31.20 ? 24 U   B O4    1 
ATOM   519 C  C5    . U   B 1 12 ? 0.318   5.867   7.675   1.00 30.93 ? 24 U   B C5    1 
ATOM   520 C  C6    . U   B 1 12 ? 0.494   7.193   7.715   1.00 34.22 ? 24 U   B C6    1 
HETATM 521 K  K     . K   C 2 .  ? -0.729  1.179   1.617   1.00 25.04 ? 13 K   A K     1 
HETATM 522 K  K     . K   D 2 .  ? 1.414   -0.967  -0.400  1.00 28.13 ? 14 K   A K     1 
HETATM 523 O  O     . HOH E 3 .  ? 6.399   4.798   -4.532  1.00 23.68 ? 15 HOH A O     1 
HETATM 524 O  O     . HOH E 3 .  ? 3.849   4.326   -6.513  1.00 22.63 ? 16 HOH A O     1 
HETATM 525 O  O     . HOH E 3 .  ? -6.582  3.990   -4.086  1.00 22.51 ? 17 HOH A O     1 
HETATM 526 O  O     . HOH E 3 .  ? -3.149  12.019  -0.579  1.00 35.31 ? 18 HOH A O     1 
HETATM 527 O  O     . HOH E 3 .  ? -2.437  6.160   -8.964  1.00 23.37 ? 19 HOH A O     1 
HETATM 528 O  O     . HOH E 3 .  ? -2.820  5.564   -6.141  1.00 26.92 ? 20 HOH A O     1 
HETATM 529 O  O     . HOH E 3 .  ? -7.305  3.124   -13.151 1.00 36.66 ? 21 HOH A O     1 
HETATM 530 O  O     . HOH E 3 .  ? 0.059   5.847   -5.750  1.00 22.63 ? 22 HOH A O     1 
HETATM 531 O  O     . HOH E 3 .  ? 1.528   4.391   -7.804  1.00 16.04 ? 23 HOH A O     1 
HETATM 532 O  O     . HOH E 3 .  ? -4.867  7.059   -5.867  1.00 28.73 ? 24 HOH A O     1 
HETATM 533 O  O     . HOH E 3 .  ? -6.391  -4.496  0.382   1.00 40.11 ? 25 HOH A O     1 
HETATM 534 O  O     . HOH E 3 .  ? 3.153   9.093   0.583   1.00 8.97  ? 26 HOH A O     1 
HETATM 535 O  O     . HOH E 3 .  ? 9.351   0.613   3.361   1.00 22.61 ? 27 HOH A O     1 
HETATM 536 O  O     . HOH E 3 .  ? 4.676   12.762  -3.835  1.00 23.36 ? 28 HOH A O     1 
HETATM 537 O  O     . HOH E 3 .  ? 6.288   12.179  -1.587  1.00 34.09 ? 29 HOH A O     1 
HETATM 538 O  O     . HOH E 3 .  ? 2.203   5.193   -10.470 1.00 15.02 ? 30 HOH A O     1 
HETATM 539 O  O     . HOH E 3 .  ? -5.795  11.376  -10.392 1.00 23.27 ? 31 HOH A O     1 
HETATM 540 O  O     . HOH E 3 .  ? 13.177  -1.782  -3.298  1.00 22.46 ? 35 HOH A O     1 
HETATM 541 O  O     . HOH E 3 .  ? 4.944   6.547   -7.514  1.00 20.42 ? 38 HOH A O     1 
HETATM 542 O  O     . HOH E 3 .  ? -6.765  -3.533  -2.912  1.00 24.81 ? 39 HOH A O     1 
HETATM 543 O  O     . HOH E 3 .  ? 10.012  2.735   -4.453  1.00 20.78 ? 44 HOH A O     1 
HETATM 544 O  O     . HOH E 3 .  ? 5.229   10.929  -6.340  1.00 23.21 ? 45 HOH A O     1 
HETATM 545 O  O     . HOH E 3 .  ? -0.578  10.329  0.672   1.00 25.60 ? 46 HOH A O     1 
HETATM 546 O  O     . HOH E 3 .  ? 9.183   -3.756  3.544   1.00 35.90 ? 48 HOH A O     1 
HETATM 547 O  O     . HOH E 3 .  ? -4.733  5.850   -10.410 1.00 39.07 ? 49 HOH A O     1 
HETATM 548 O  O     . HOH E 3 .  ? -1.818  17.094  -9.938  1.00 17.21 ? 50 HOH A O     1 
HETATM 549 O  O     . HOH E 3 .  ? 4.220   11.534  -13.644 1.00 12.20 ? 51 HOH A O     1 
HETATM 550 O  O     . HOH E 3 .  ? 3.878   14.823  -6.338  1.00 33.74 ? 55 HOH A O     1 
HETATM 551 O  O     . HOH F 3 .  ? -4.337  -4.046  -5.828  1.00 18.28 ? 4  HOH B O     1 
HETATM 552 O  O     . HOH F 3 .  ? -6.175  -11.637 -5.464  1.00 32.11 ? 7  HOH B O     1 
HETATM 553 O  O     . HOH F 3 .  ? 7.494   3.665   3.741   1.00 22.84 ? 8  HOH B O     1 
HETATM 554 O  O     . HOH F 3 .  ? 0.927   10.366  3.771   1.00 20.60 ? 25 HOH B O     1 
HETATM 555 O  O     . HOH F 3 .  ? -1.754  -10.585 -2.438  1.00 34.97 ? 27 HOH B O     1 
HETATM 556 O  O     . HOH F 3 .  ? -0.109  -0.721  11.684  1.00 39.70 ? 30 HOH B O     1 
HETATM 557 O  O     . HOH F 3 .  ? 0.344   -2.995  13.259  1.00 27.74 ? 31 HOH B O     1 
HETATM 558 O  O     . HOH F 3 .  ? -0.987  -1.784  -10.354 1.00 24.70 ? 32 HOH B O     1 
HETATM 559 O  O     . HOH F 3 .  ? -2.065  -11.058 -9.027  1.00 17.09 ? 33 HOH B O     1 
HETATM 560 O  O     . HOH F 3 .  ? -0.553  -10.964 -6.993  1.00 30.66 ? 34 HOH B O     1 
HETATM 561 O  O     . HOH F 3 .  ? -2.586  -1.924  -8.286  1.00 16.99 ? 40 HOH B O     1 
HETATM 562 O  O     . HOH F 3 .  ? -1.974  2.359   8.965   1.00 29.73 ? 41 HOH B O     1 
HETATM 563 O  O     . HOH F 3 .  ? -4.263  0.861   8.255   1.00 39.07 ? 42 HOH B O     1 
HETATM 564 O  O     . HOH F 3 .  ? -2.622  -0.932  -12.849 1.00 27.39 ? 47 HOH B O     1 
HETATM 565 O  O     . HOH F 3 .  ? -5.002  -10.807 6.767   1.00 27.23 ? 52 HOH B O     1 
HETATM 566 O  O     . HOH F 3 .  ? -9.018  -10.874 4.855   1.00 21.32 ? 53 HOH B O     1 
HETATM 567 O  O     . HOH F 3 .  ? -8.942  -8.067  5.893   1.00 23.83 ? 54 HOH B O     1 
# 
loop_
_pdbx_poly_seq_scheme.asym_id 
_pdbx_poly_seq_scheme.entity_id 
_pdbx_poly_seq_scheme.seq_id 
_pdbx_poly_seq_scheme.mon_id 
_pdbx_poly_seq_scheme.ndb_seq_num 
_pdbx_poly_seq_scheme.pdb_seq_num 
_pdbx_poly_seq_scheme.auth_seq_num 
_pdbx_poly_seq_scheme.pdb_mon_id 
_pdbx_poly_seq_scheme.auth_mon_id 
_pdbx_poly_seq_scheme.pdb_strand_id 
_pdbx_poly_seq_scheme.pdb_ins_code 
_pdbx_poly_seq_scheme.hetero 
A 1 1  5BU 1  1  1  5BU UB A . n 
A 1 2  A   2  2  2  A   A  A . n 
A 1 3  G   3  3  3  G   G  A . n 
A 1 4  G   4  4  4  G   G  A . n 
A 1 5  G   5  5  5  G   G  A . n 
A 1 6  U   6  6  6  U   U  A . n 
A 1 7  U   7  7  7  U   U  A . n 
A 1 8  A   8  8  8  A   A  A . n 
A 1 9  G   9  9  9  G   G  A . n 
A 1 10 G   10 10 10 G   G  A . n 
A 1 11 G   11 11 11 G   G  A . n 
A 1 12 U   12 12 12 U   U  A . n 
B 1 1  5BU 1  13 13 5BU UB B . n 
B 1 2  A   2  14 14 A   A  B . n 
B 1 3  G   3  15 15 G   G  B . n 
B 1 4  G   4  16 16 G   G  B . n 
B 1 5  G   5  17 17 G   G  B . n 
B 1 6  U   6  18 18 U   U  B . n 
B 1 7  U   7  19 19 U   U  B . n 
B 1 8  A   8  20 20 A   A  B . n 
B 1 9  G   9  21 21 G   G  B . n 
B 1 10 G   10 22 22 G   G  B . n 
B 1 11 G   11 23 23 G   G  B . n 
B 1 12 U   12 24 24 U   U  B . n 
# 
loop_
_pdbx_nonpoly_scheme.asym_id 
_pdbx_nonpoly_scheme.entity_id 
_pdbx_nonpoly_scheme.mon_id 
_pdbx_nonpoly_scheme.ndb_seq_num 
_pdbx_nonpoly_scheme.pdb_seq_num 
_pdbx_nonpoly_scheme.auth_seq_num 
_pdbx_nonpoly_scheme.pdb_mon_id 
_pdbx_nonpoly_scheme.auth_mon_id 
_pdbx_nonpoly_scheme.pdb_strand_id 
_pdbx_nonpoly_scheme.pdb_ins_code 
C 2 K   1  13 1  K   K   A . 
D 2 K   1  14 2  K   K   A . 
E 3 HOH 1  15 15 HOH HOH A . 
E 3 HOH 2  16 16 HOH HOH A . 
E 3 HOH 3  17 17 HOH HOH A . 
E 3 HOH 4  18 18 HOH HOH A . 
E 3 HOH 5  19 19 HOH HOH A . 
E 3 HOH 6  20 20 HOH HOH A . 
E 3 HOH 7  21 21 HOH HOH A . 
E 3 HOH 8  22 1  HOH HOH A . 
E 3 HOH 9  23 2  HOH HOH A . 
E 3 HOH 10 24 3  HOH HOH A . 
E 3 HOH 11 25 5  HOH HOH A . 
E 3 HOH 12 26 6  HOH HOH A . 
E 3 HOH 13 27 9  HOH HOH A . 
E 3 HOH 14 28 28 HOH HOH A . 
E 3 HOH 15 29 29 HOH HOH A . 
E 3 HOH 16 30 10 HOH HOH A . 
E 3 HOH 17 31 11 HOH HOH A . 
E 3 HOH 18 35 35 HOH HOH A . 
E 3 HOH 19 38 38 HOH HOH A . 
E 3 HOH 20 39 39 HOH HOH A . 
E 3 HOH 21 44 44 HOH HOH A . 
E 3 HOH 22 45 45 HOH HOH A . 
E 3 HOH 23 46 46 HOH HOH A . 
E 3 HOH 24 48 48 HOH HOH A . 
E 3 HOH 25 49 49 HOH HOH A . 
E 3 HOH 26 50 50 HOH HOH A . 
E 3 HOH 27 51 51 HOH HOH A . 
E 3 HOH 28 55 55 HOH HOH A . 
F 3 HOH 1  4  4  HOH HOH B . 
F 3 HOH 2  7  7  HOH HOH B . 
F 3 HOH 3  8  8  HOH HOH B . 
F 3 HOH 4  25 13 HOH HOH B . 
F 3 HOH 5  27 27 HOH HOH B . 
F 3 HOH 6  30 30 HOH HOH B . 
F 3 HOH 7  31 31 HOH HOH B . 
F 3 HOH 8  32 32 HOH HOH B . 
F 3 HOH 9  33 33 HOH HOH B . 
F 3 HOH 10 34 34 HOH HOH B . 
F 3 HOH 11 40 40 HOH HOH B . 
F 3 HOH 12 41 41 HOH HOH B . 
F 3 HOH 13 42 42 HOH HOH B . 
F 3 HOH 14 47 47 HOH HOH B . 
F 3 HOH 15 52 52 HOH HOH B . 
F 3 HOH 16 53 53 HOH HOH B . 
F 3 HOH 17 54 54 HOH HOH B . 
# 
loop_
_pdbx_struct_mod_residue.id 
_pdbx_struct_mod_residue.label_asym_id 
_pdbx_struct_mod_residue.label_comp_id 
_pdbx_struct_mod_residue.label_seq_id 
_pdbx_struct_mod_residue.auth_asym_id 
_pdbx_struct_mod_residue.auth_comp_id 
_pdbx_struct_mod_residue.auth_seq_id 
_pdbx_struct_mod_residue.PDB_ins_code 
_pdbx_struct_mod_residue.parent_comp_id 
_pdbx_struct_mod_residue.details 
1 A 5BU 1 A 5BU 1  ? U "5-BROMO-URIDINE-5'-MONOPHOSPHATE" 
2 B 5BU 1 B 5BU 13 ? U "5-BROMO-URIDINE-5'-MONOPHOSPHATE" 
# 
_pdbx_struct_assembly.id                   1 
_pdbx_struct_assembly.details              author_and_software_defined_assembly 
_pdbx_struct_assembly.method_details       PISA 
_pdbx_struct_assembly.oligomeric_details   dimeric 
_pdbx_struct_assembly.oligomeric_count     2 
# 
_pdbx_struct_assembly_gen.assembly_id       1 
_pdbx_struct_assembly_gen.oper_expression   1 
_pdbx_struct_assembly_gen.asym_id_list      A,B,C,D,E,F 
# 
loop_
_pdbx_struct_assembly_prop.biol_id 
_pdbx_struct_assembly_prop.type 
_pdbx_struct_assembly_prop.value 
_pdbx_struct_assembly_prop.details 
1 'ABSA (A^2)' 1260 ? 
1 MORE         -7   ? 
1 'SSA (A^2)'  4440 ? 
# 
_pdbx_struct_oper_list.id                   1 
_pdbx_struct_oper_list.type                 'identity operation' 
_pdbx_struct_oper_list.name                 1_555 
_pdbx_struct_oper_list.symmetry_operation   x,y,z 
_pdbx_struct_oper_list.matrix[1][1]         1.0000000000 
_pdbx_struct_oper_list.matrix[1][2]         0.0000000000 
_pdbx_struct_oper_list.matrix[1][3]         0.0000000000 
_pdbx_struct_oper_list.vector[1]            0.0000000000 
_pdbx_struct_oper_list.matrix[2][1]         0.0000000000 
_pdbx_struct_oper_list.matrix[2][2]         1.0000000000 
_pdbx_struct_oper_list.matrix[2][3]         0.0000000000 
_pdbx_struct_oper_list.vector[2]            0.0000000000 
_pdbx_struct_oper_list.matrix[3][1]         0.0000000000 
_pdbx_struct_oper_list.matrix[3][2]         0.0000000000 
_pdbx_struct_oper_list.matrix[3][3]         1.0000000000 
_pdbx_struct_oper_list.vector[3]            0.0000000000 
# 
loop_
_pdbx_struct_conn_angle.id 
_pdbx_struct_conn_angle.ptnr1_label_atom_id 
_pdbx_struct_conn_angle.ptnr1_label_alt_id 
_pdbx_struct_conn_angle.ptnr1_label_asym_id 
_pdbx_struct_conn_angle.ptnr1_label_comp_id 
_pdbx_struct_conn_angle.ptnr1_label_seq_id 
_pdbx_struct_conn_angle.ptnr1_auth_atom_id 
_pdbx_struct_conn_angle.ptnr1_auth_asym_id 
_pdbx_struct_conn_angle.ptnr1_auth_comp_id 
_pdbx_struct_conn_angle.ptnr1_auth_seq_id 
_pdbx_struct_conn_angle.ptnr1_PDB_ins_code 
_pdbx_struct_conn_angle.ptnr1_symmetry 
_pdbx_struct_conn_angle.ptnr2_label_atom_id 
_pdbx_struct_conn_angle.ptnr2_label_alt_id 
_pdbx_struct_conn_angle.ptnr2_label_asym_id 
_pdbx_struct_conn_angle.ptnr2_label_comp_id 
_pdbx_struct_conn_angle.ptnr2_label_seq_id 
_pdbx_struct_conn_angle.ptnr2_auth_atom_id 
_pdbx_struct_conn_angle.ptnr2_auth_asym_id 
_pdbx_struct_conn_angle.ptnr2_auth_comp_id 
_pdbx_struct_conn_angle.ptnr2_auth_seq_id 
_pdbx_struct_conn_angle.ptnr2_PDB_ins_code 
_pdbx_struct_conn_angle.ptnr2_symmetry 
_pdbx_struct_conn_angle.ptnr3_label_atom_id 
_pdbx_struct_conn_angle.ptnr3_label_alt_id 
_pdbx_struct_conn_angle.ptnr3_label_asym_id 
_pdbx_struct_conn_angle.ptnr3_label_comp_id 
_pdbx_struct_conn_angle.ptnr3_label_seq_id 
_pdbx_struct_conn_angle.ptnr3_auth_atom_id 
_pdbx_struct_conn_angle.ptnr3_auth_asym_id 
_pdbx_struct_conn_angle.ptnr3_auth_comp_id 
_pdbx_struct_conn_angle.ptnr3_auth_seq_id 
_pdbx_struct_conn_angle.ptnr3_PDB_ins_code 
_pdbx_struct_conn_angle.ptnr3_symmetry 
_pdbx_struct_conn_angle.value 
_pdbx_struct_conn_angle.value_esd 
1  O6 ? A G 3  ? A G 3  ? 1_555 K ? D K . ? A K 14 ? 1_555 O6 ? A G 4  ? A G 4  ? 1_555 82.8  ? 
2  O6 ? A G 3  ? A G 3  ? 1_555 K ? D K . ? A K 14 ? 1_555 O6 ? A G 9  ? A G 9  ? 1_555 74.0  ? 
3  O6 ? A G 4  ? A G 4  ? 1_555 K ? D K . ? A K 14 ? 1_555 O6 ? A G 9  ? A G 9  ? 1_555 90.2  ? 
4  O6 ? A G 3  ? A G 3  ? 1_555 K ? D K . ? A K 14 ? 1_555 O6 ? A G 10 ? A G 10 ? 1_555 138.9 ? 
5  O6 ? A G 4  ? A G 4  ? 1_555 K ? D K . ? A K 14 ? 1_555 O6 ? A G 10 ? A G 10 ? 1_555 63.7  ? 
6  O6 ? A G 9  ? A G 9  ? 1_555 K ? D K . ? A K 14 ? 1_555 O6 ? A G 10 ? A G 10 ? 1_555 82.5  ? 
7  O6 ? A G 3  ? A G 3  ? 1_555 K ? D K . ? A K 14 ? 1_555 O6 ? B G 3  ? B G 15 ? 1_555 120.9 ? 
8  O6 ? A G 4  ? A G 4  ? 1_555 K ? D K . ? A K 14 ? 1_555 O6 ? B G 3  ? B G 15 ? 1_555 146.2 ? 
9  O6 ? A G 9  ? A G 9  ? 1_555 K ? D K . ? A K 14 ? 1_555 O6 ? B G 3  ? B G 15 ? 1_555 75.7  ? 
10 O6 ? A G 10 ? A G 10 ? 1_555 K ? D K . ? A K 14 ? 1_555 O6 ? B G 3  ? B G 15 ? 1_555 83.8  ? 
11 O6 ? A G 3  ? A G 3  ? 1_555 K ? D K . ? A K 14 ? 1_555 O6 ? B G 4  ? B G 16 ? 1_555 148.7 ? 
12 O6 ? A G 4  ? A G 4  ? 1_555 K ? D K . ? A K 14 ? 1_555 O6 ? B G 4  ? B G 16 ? 1_555 96.4  ? 
13 O6 ? A G 9  ? A G 9  ? 1_555 K ? D K . ? A K 14 ? 1_555 O6 ? B G 4  ? B G 16 ? 1_555 137.2 ? 
14 O6 ? A G 10 ? A G 10 ? 1_555 K ? D K . ? A K 14 ? 1_555 O6 ? B G 4  ? B G 16 ? 1_555 63.4  ? 
15 O6 ? B G 3  ? B G 15 ? 1_555 K ? D K . ? A K 14 ? 1_555 O6 ? B G 4  ? B G 16 ? 1_555 75.6  ? 
16 O6 ? A G 3  ? A G 3  ? 1_555 K ? D K . ? A K 14 ? 1_555 O6 ? B G 9  ? B G 21 ? 1_555 76.0  ? 
17 O6 ? A G 4  ? A G 4  ? 1_555 K ? D K . ? A K 14 ? 1_555 O6 ? B G 9  ? B G 21 ? 1_555 132.9 ? 
18 O6 ? A G 9  ? A G 9  ? 1_555 K ? D K . ? A K 14 ? 1_555 O6 ? B G 9  ? B G 21 ? 1_555 122.3 ? 
19 O6 ? A G 10 ? A G 10 ? 1_555 K ? D K . ? A K 14 ? 1_555 O6 ? B G 9  ? B G 21 ? 1_555 144.5 ? 
20 O6 ? B G 3  ? B G 15 ? 1_555 K ? D K . ? A K 14 ? 1_555 O6 ? B G 9  ? B G 21 ? 1_555 79.4  ? 
21 O6 ? B G 4  ? B G 16 ? 1_555 K ? D K . ? A K 14 ? 1_555 O6 ? B G 9  ? B G 21 ? 1_555 82.2  ? 
22 O6 ? A G 3  ? A G 3  ? 1_555 K ? D K . ? A K 14 ? 1_555 O6 ? B G 10 ? B G 22 ? 1_555 90.3  ? 
23 O6 ? A G 4  ? A G 4  ? 1_555 K ? D K . ? A K 14 ? 1_555 O6 ? B G 10 ? B G 22 ? 1_555 66.2  ? 
24 O6 ? A G 9  ? A G 9  ? 1_555 K ? D K . ? A K 14 ? 1_555 O6 ? B G 10 ? B G 22 ? 1_555 153.4 ? 
25 O6 ? A G 10 ? A G 10 ? 1_555 K ? D K . ? A K 14 ? 1_555 O6 ? B G 10 ? B G 22 ? 1_555 96.7  ? 
26 O6 ? B G 3  ? B G 15 ? 1_555 K ? D K . ? A K 14 ? 1_555 O6 ? B G 10 ? B G 22 ? 1_555 130.8 ? 
27 O6 ? B G 4  ? B G 16 ? 1_555 K ? D K . ? A K 14 ? 1_555 O6 ? B G 10 ? B G 22 ? 1_555 61.5  ? 
28 O6 ? B G 9  ? B G 21 ? 1_555 K ? D K . ? A K 14 ? 1_555 O6 ? B G 10 ? B G 22 ? 1_555 72.3  ? 
29 O6 ? A G 4  ? A G 4  ? 1_555 K ? C K . ? A K 13 ? 1_555 O6 ? A G 5  ? A G 5  ? 1_555 67.6  ? 
30 O6 ? A G 4  ? A G 4  ? 1_555 K ? C K . ? A K 13 ? 1_555 O6 ? A G 10 ? A G 10 ? 1_555 66.1  ? 
31 O6 ? A G 5  ? A G 5  ? 1_555 K ? C K . ? A K 13 ? 1_555 O6 ? A G 10 ? A G 10 ? 1_555 85.1  ? 
32 O6 ? A G 4  ? A G 4  ? 1_555 K ? C K . ? A K 13 ? 1_555 O6 ? A G 11 ? A G 11 ? 1_555 119.4 ? 
33 O6 ? A G 5  ? A G 5  ? 1_555 K ? C K . ? A K 13 ? 1_555 O6 ? A G 11 ? A G 11 ? 1_555 72.0  ? 
34 O6 ? A G 10 ? A G 10 ? 1_555 K ? C K . ? A K 13 ? 1_555 O6 ? A G 11 ? A G 11 ? 1_555 67.2  ? 
35 O6 ? A G 4  ? A G 4  ? 1_555 K ? C K . ? A K 13 ? 1_555 O6 ? B G 4  ? B G 16 ? 1_555 106.4 ? 
36 O6 ? A G 5  ? A G 5  ? 1_555 K ? C K . ? A K 13 ? 1_555 O6 ? B G 4  ? B G 16 ? 1_555 151.5 ? 
37 O6 ? A G 10 ? A G 10 ? 1_555 K ? C K . ? A K 13 ? 1_555 O6 ? B G 4  ? B G 16 ? 1_555 67.7  ? 
38 O6 ? A G 11 ? A G 11 ? 1_555 K ? C K . ? A K 13 ? 1_555 O6 ? B G 4  ? B G 16 ? 1_555 89.0  ? 
39 O6 ? A G 4  ? A G 4  ? 1_555 K ? C K . ? A K 13 ? 1_555 O6 ? B G 5  ? B G 17 ? 1_555 161.7 ? 
40 O6 ? A G 5  ? A G 5  ? 1_555 K ? C K . ? A K 13 ? 1_555 O6 ? B G 5  ? B G 17 ? 1_555 121.3 ? 
41 O6 ? A G 10 ? A G 10 ? 1_555 K ? C K . ? A K 13 ? 1_555 O6 ? B G 5  ? B G 17 ? 1_555 127.8 ? 
42 O6 ? A G 11 ? A G 11 ? 1_555 K ? C K . ? A K 13 ? 1_555 O6 ? B G 5  ? B G 17 ? 1_555 78.9  ? 
43 O6 ? B G 4  ? B G 16 ? 1_555 K ? C K . ? A K 13 ? 1_555 O6 ? B G 5  ? B G 17 ? 1_555 73.4  ? 
44 O6 ? A G 4  ? A G 4  ? 1_555 K ? C K . ? A K 13 ? 1_555 O6 ? B G 10 ? B G 22 ? 1_555 73.7  ? 
45 O6 ? A G 5  ? A G 5  ? 1_555 K ? C K . ? A K 13 ? 1_555 O6 ? B G 10 ? B G 22 ? 1_555 129.1 ? 
46 O6 ? A G 10 ? A G 10 ? 1_555 K ? C K . ? A K 13 ? 1_555 O6 ? B G 10 ? B G 22 ? 1_555 108.2 ? 
47 O6 ? A G 11 ? A G 11 ? 1_555 K ? C K . ? A K 13 ? 1_555 O6 ? B G 10 ? B G 22 ? 1_555 158.7 ? 
48 O6 ? B G 4  ? B G 16 ? 1_555 K ? C K . ? A K 13 ? 1_555 O6 ? B G 10 ? B G 22 ? 1_555 70.5  ? 
49 O6 ? B G 5  ? B G 17 ? 1_555 K ? C K . ? A K 13 ? 1_555 O6 ? B G 10 ? B G 22 ? 1_555 89.4  ? 
50 O6 ? A G 4  ? A G 4  ? 1_555 K ? C K . ? A K 13 ? 1_555 O6 ? B G 11 ? B G 23 ? 1_555 93.4  ? 
51 O6 ? A G 5  ? A G 5  ? 1_555 K ? C K . ? A K 13 ? 1_555 O6 ? B G 11 ? B G 23 ? 1_555 81.3  ? 
52 O6 ? A G 10 ? A G 10 ? 1_555 K ? C K . ? A K 13 ? 1_555 O6 ? B G 11 ? B G 23 ? 1_555 158.6 ? 
53 O6 ? A G 11 ? A G 11 ? 1_555 K ? C K . ? A K 13 ? 1_555 O6 ? B G 11 ? B G 23 ? 1_555 122.9 ? 
54 O6 ? B G 4  ? B G 16 ? 1_555 K ? C K . ? A K 13 ? 1_555 O6 ? B G 11 ? B G 23 ? 1_555 127.2 ? 
55 O6 ? B G 5  ? B G 17 ? 1_555 K ? C K . ? A K 13 ? 1_555 O6 ? B G 11 ? B G 23 ? 1_555 73.6  ? 
56 O6 ? B G 10 ? B G 22 ? 1_555 K ? C K . ? A K 13 ? 1_555 O6 ? B G 11 ? B G 23 ? 1_555 69.2  ? 
# 
loop_
_pdbx_audit_revision_history.ordinal 
_pdbx_audit_revision_history.data_content_type 
_pdbx_audit_revision_history.major_revision 
_pdbx_audit_revision_history.minor_revision 
_pdbx_audit_revision_history.revision_date 
1 'Structure model' 1 0 2010-05-12 
2 'Structure model' 1 1 2011-07-13 
3 'Structure model' 1 2 2014-02-19 
4 'Structure model' 1 3 2023-11-01 
# 
_pdbx_audit_revision_details.ordinal             1 
_pdbx_audit_revision_details.revision_ordinal    1 
_pdbx_audit_revision_details.data_content_type   'Structure model' 
_pdbx_audit_revision_details.provider            repository 
_pdbx_audit_revision_details.type                'Initial release' 
_pdbx_audit_revision_details.description         ? 
_pdbx_audit_revision_details.details             ? 
# 
loop_
_pdbx_audit_revision_group.ordinal 
_pdbx_audit_revision_group.revision_ordinal 
_pdbx_audit_revision_group.data_content_type 
_pdbx_audit_revision_group.group 
1 2 'Structure model' Advisory                    
2 2 'Structure model' 'Version format compliance' 
3 3 'Structure model' 'Database references'       
4 4 'Structure model' 'Data collection'           
5 4 'Structure model' 'Database references'       
6 4 'Structure model' 'Derived calculations'      
7 4 'Structure model' 'Refinement description'    
# 
loop_
_pdbx_audit_revision_category.ordinal 
_pdbx_audit_revision_category.revision_ordinal 
_pdbx_audit_revision_category.data_content_type 
_pdbx_audit_revision_category.category 
1 4 'Structure model' chem_comp_atom                
2 4 'Structure model' chem_comp_bond                
3 4 'Structure model' database_2                    
4 4 'Structure model' pdbx_initial_refinement_model 
5 4 'Structure model' struct_conn                   
6 4 'Structure model' struct_site                   
# 
loop_
_pdbx_audit_revision_item.ordinal 
_pdbx_audit_revision_item.revision_ordinal 
_pdbx_audit_revision_item.data_content_type 
_pdbx_audit_revision_item.item 
1  4 'Structure model' '_database_2.pdbx_DOI'                
2  4 'Structure model' '_database_2.pdbx_database_accession' 
3  4 'Structure model' '_struct_conn.pdbx_dist_value'        
4  4 'Structure model' '_struct_conn.pdbx_leaving_atom_flag' 
5  4 'Structure model' '_struct_conn.ptnr1_auth_asym_id'     
6  4 'Structure model' '_struct_conn.ptnr1_auth_comp_id'     
7  4 'Structure model' '_struct_conn.ptnr1_auth_seq_id'      
8  4 'Structure model' '_struct_conn.ptnr1_label_asym_id'    
9  4 'Structure model' '_struct_conn.ptnr1_label_atom_id'    
10 4 'Structure model' '_struct_conn.ptnr1_label_comp_id'    
11 4 'Structure model' '_struct_conn.ptnr1_label_seq_id'     
12 4 'Structure model' '_struct_conn.ptnr2_auth_asym_id'     
13 4 'Structure model' '_struct_conn.ptnr2_auth_comp_id'     
14 4 'Structure model' '_struct_conn.ptnr2_auth_seq_id'      
15 4 'Structure model' '_struct_conn.ptnr2_label_asym_id'    
16 4 'Structure model' '_struct_conn.ptnr2_label_atom_id'    
17 4 'Structure model' '_struct_conn.ptnr2_label_comp_id'    
18 4 'Structure model' '_struct_conn.ptnr2_label_seq_id'     
19 4 'Structure model' '_struct_site.pdbx_auth_asym_id'      
20 4 'Structure model' '_struct_site.pdbx_auth_comp_id'      
21 4 'Structure model' '_struct_site.pdbx_auth_seq_id'       
# 
loop_
_pdbx_refine_tls.pdbx_refine_id 
_pdbx_refine_tls.id 
_pdbx_refine_tls.details 
_pdbx_refine_tls.method 
_pdbx_refine_tls.origin_x 
_pdbx_refine_tls.origin_y 
_pdbx_refine_tls.origin_z 
_pdbx_refine_tls.T[1][1] 
_pdbx_refine_tls.T[2][2] 
_pdbx_refine_tls.T[3][3] 
_pdbx_refine_tls.T[1][2] 
_pdbx_refine_tls.T[1][3] 
_pdbx_refine_tls.T[2][3] 
_pdbx_refine_tls.L[1][1] 
_pdbx_refine_tls.L[2][2] 
_pdbx_refine_tls.L[3][3] 
_pdbx_refine_tls.L[1][2] 
_pdbx_refine_tls.L[1][3] 
_pdbx_refine_tls.L[2][3] 
_pdbx_refine_tls.S[1][1] 
_pdbx_refine_tls.S[2][2] 
_pdbx_refine_tls.S[3][3] 
_pdbx_refine_tls.S[1][2] 
_pdbx_refine_tls.S[1][3] 
_pdbx_refine_tls.S[2][3] 
_pdbx_refine_tls.S[2][1] 
_pdbx_refine_tls.S[3][1] 
_pdbx_refine_tls.S[3][2] 
'X-RAY DIFFRACTION' 1 ? refined 3.5541  5.6366  -2.7535 0.0747  0.0706 0.0408 -0.0163 0.0098  -0.0078 4.9974 6.0969 2.3405 -1.5066 -0.6388 0.3972  -0.0456 -0.0779 0.1236  0.1291  0.5812  -0.4865 -0.0427 -0.2164 0.2587  
'X-RAY DIFFRACTION' 2 ? refined -3.5167 3.9883  -6.9838 0.0504  0.0711 0.0733 0.0126  -0.0037 -0.0091 0.1955 4.1715 3.3150 0.5832  0.3097  -1.6977 0.0012  0.2053  -0.2066 0.1877  0.1951  0.3313  -0.1510 0.0277  -0.3330 
'X-RAY DIFFRACTION' 3 ? refined -2.5914 -5.4112 1.4892  0.1053  0.1146 0.1199 0.0025  -0.0026 0.0071  1.3621 3.4441 1.2737 0.0517  -0.4261 1.9651  0.0638  -0.0763 0.0126  -0.4884 -0.1509 0.3070  0.6299  0.5048  -0.7785 
'X-RAY DIFFRACTION' 4 ? refined 3.6014  2.1030  6.3297  -0.0122 0.0163 0.0017 -0.0091 -0.0071 0.0048  4.8468 0.8423 6.4370 -0.7507 -1.2188 2.2985  -0.0959 0.0977  -0.0019 -0.3202 -0.2682 -0.1181 0.6627  0.2619  0.0815 
# 
loop_
_pdbx_refine_tls_group.pdbx_refine_id 
_pdbx_refine_tls_group.id 
_pdbx_refine_tls_group.refine_tls_id 
_pdbx_refine_tls_group.beg_auth_asym_id 
_pdbx_refine_tls_group.beg_auth_seq_id 
_pdbx_refine_tls_group.end_auth_asym_id 
_pdbx_refine_tls_group.end_auth_seq_id 
_pdbx_refine_tls_group.selection_details 
_pdbx_refine_tls_group.beg_label_asym_id 
_pdbx_refine_tls_group.beg_label_seq_id 
_pdbx_refine_tls_group.end_label_asym_id 
_pdbx_refine_tls_group.end_label_seq_id 
_pdbx_refine_tls_group.selection 
'X-RAY DIFFRACTION' 1 1 A 2  A 6  ? . . . . ? 
'X-RAY DIFFRACTION' 2 2 A 7  A 12 ? . . . . ? 
'X-RAY DIFFRACTION' 3 3 B 14 B 17 ? . . . . ? 
'X-RAY DIFFRACTION' 4 4 B 18 B 24 ? . . . . ? 
# 
loop_
_software.pdbx_ordinal 
_software.name 
_software.version 
_software.date 
_software.type 
_software.contact_author 
_software.contact_author_email 
_software.classification 
_software.location 
_software.language 
_software.citation_id 
1 SCALA       3.3.9    2008/10/21      other   'Phil R. Evans'      pre@mrc-lmb.cam.ac.uk 'data scaling'    
http://www.ccp4.ac.uk/dist/html/scala.html   Fortran_77 ? 
2 REFMAC      5.5.0072 ?               program 'Garib N. Murshudov' garib@ysbl.york.ac.uk refinement        
http://www.ccp4.ac.uk/dist/html/refmac5.html Fortran_77 ? 
3 PDB_EXTRACT 3.005    'June 11, 2008' package PDB                  help@deposit.rcsb.org 'data extraction' 
http://sw-tools.pdb.org/apps/PDB_EXTRACT/    C++        ? 
4 CrysalisPro .        ?               ?       ?                    ?                     'data collection' ? ?          ? 
5 CrysalisPro .        ?               ?       ?                    ?                     'data reduction'  ? ?          ? 
6 REFMAC      5.5.0072 ?               ?       ?                    ?                     phasing           ? ?          ? 
# 
loop_
_pdbx_unobs_or_zero_occ_atoms.id 
_pdbx_unobs_or_zero_occ_atoms.PDB_model_num 
_pdbx_unobs_or_zero_occ_atoms.polymer_flag 
_pdbx_unobs_or_zero_occ_atoms.occupancy_flag 
_pdbx_unobs_or_zero_occ_atoms.auth_asym_id 
_pdbx_unobs_or_zero_occ_atoms.auth_comp_id 
_pdbx_unobs_or_zero_occ_atoms.auth_seq_id 
_pdbx_unobs_or_zero_occ_atoms.PDB_ins_code 
_pdbx_unobs_or_zero_occ_atoms.auth_atom_id 
_pdbx_unobs_or_zero_occ_atoms.label_alt_id 
_pdbx_unobs_or_zero_occ_atoms.label_asym_id 
_pdbx_unobs_or_zero_occ_atoms.label_comp_id 
_pdbx_unobs_or_zero_occ_atoms.label_seq_id 
_pdbx_unobs_or_zero_occ_atoms.label_atom_id 
1  1 Y 0 A U 12 ? "C5'" ? A U 12 "C5'" 
2  1 Y 0 A U 12 ? "C4'" ? A U 12 "C4'" 
3  1 Y 0 A U 12 ? "O4'" ? A U 12 "O4'" 
4  1 Y 0 A U 12 ? "C3'" ? A U 12 "C3'" 
5  1 Y 0 A U 12 ? "O3'" ? A U 12 "O3'" 
6  1 Y 0 A U 12 ? "C2'" ? A U 12 "C2'" 
7  1 Y 0 A U 12 ? "O2'" ? A U 12 "O2'" 
8  1 Y 0 A U 12 ? "C1'" ? A U 12 "C1'" 
9  1 Y 0 A U 12 ? N1    ? A U 12 N1    
10 1 Y 0 A U 12 ? C2    ? A U 12 C2    
11 1 Y 0 A U 12 ? O2    ? A U 12 O2    
12 1 Y 0 A U 12 ? N3    ? A U 12 N3    
13 1 Y 0 A U 12 ? C4    ? A U 12 C4    
14 1 Y 0 A U 12 ? O4    ? A U 12 O4    
15 1 Y 0 A U 12 ? C5    ? A U 12 C5    
16 1 Y 0 A U 12 ? C6    ? A U 12 C6    
17 1 Y 0 B U 18 ? "O5'" ? B U 6  "O5'" 
18 1 Y 0 B U 18 ? "C5'" ? B U 6  "C5'" 
19 1 Y 0 B U 18 ? "C4'" ? B U 6  "C4'" 
20 1 Y 0 B U 18 ? "O4'" ? B U 6  "O4'" 
21 1 Y 0 B U 18 ? "C3'" ? B U 6  "C3'" 
22 1 Y 0 B U 18 ? "O3'" ? B U 6  "O3'" 
23 1 Y 0 B U 18 ? "C2'" ? B U 6  "C2'" 
24 1 Y 0 B U 18 ? "O2'" ? B U 6  "O2'" 
25 1 Y 0 B U 18 ? "C1'" ? B U 6  "C1'" 
26 1 Y 0 B U 18 ? N1    ? B U 6  N1    
27 1 Y 0 B U 18 ? C2    ? B U 6  C2    
28 1 Y 0 B U 18 ? O2    ? B U 6  O2    
29 1 Y 0 B U 18 ? N3    ? B U 6  N3    
30 1 Y 0 B U 18 ? C4    ? B U 6  C4    
31 1 Y 0 B U 18 ? O4    ? B U 6  O4    
32 1 Y 0 B U 18 ? C5    ? B U 6  C5    
33 1 Y 0 B U 18 ? C6    ? B U 6  C6    
# 
loop_
_pdbx_unobs_or_zero_occ_residues.id 
_pdbx_unobs_or_zero_occ_residues.PDB_model_num 
_pdbx_unobs_or_zero_occ_residues.polymer_flag 
_pdbx_unobs_or_zero_occ_residues.occupancy_flag 
_pdbx_unobs_or_zero_occ_residues.auth_asym_id 
_pdbx_unobs_or_zero_occ_residues.auth_comp_id 
_pdbx_unobs_or_zero_occ_residues.auth_seq_id 
_pdbx_unobs_or_zero_occ_residues.PDB_ins_code 
_pdbx_unobs_or_zero_occ_residues.label_asym_id 
_pdbx_unobs_or_zero_occ_residues.label_comp_id 
_pdbx_unobs_or_zero_occ_residues.label_seq_id 
1 1 Y 0 B U 19 ? B U 7 
2 1 Y 0 B A 20 ? B A 8 
# 
loop_
_chem_comp_atom.comp_id 
_chem_comp_atom.atom_id 
_chem_comp_atom.type_symbol 
_chem_comp_atom.pdbx_aromatic_flag 
_chem_comp_atom.pdbx_stereo_config 
_chem_comp_atom.pdbx_ordinal 
5BU P      P  N N 1   
5BU OP1    O  N N 2   
5BU OP2    O  N N 3   
5BU OP3    O  N N 4   
5BU "O5'"  O  N N 5   
5BU "C5'"  C  N N 6   
5BU "C4'"  C  N R 7   
5BU "O4'"  O  N N 8   
5BU "C3'"  C  N S 9   
5BU "O3'"  O  N N 10  
5BU "C2'"  C  N R 11  
5BU "O2'"  O  N N 12  
5BU "C1'"  C  N R 13  
5BU N1     N  N N 14  
5BU C2     C  N N 15  
5BU O2     O  N N 16  
5BU N3     N  N N 17  
5BU C4     C  N N 18  
5BU O4     O  N N 19  
5BU C5     C  N N 20  
5BU C6     C  N N 21  
5BU BR     BR N N 22  
5BU HOP2   H  N N 23  
5BU HOP3   H  N N 24  
5BU "H5'"  H  N N 25  
5BU "H5''" H  N N 26  
5BU "H4'"  H  N N 27  
5BU "H3'"  H  N N 28  
5BU "HO3'" H  N N 29  
5BU "H2'"  H  N N 30  
5BU "HO2'" H  N N 31  
5BU "H1'"  H  N N 32  
5BU H3     H  N N 33  
5BU H6     H  N N 34  
A   OP3    O  N N 35  
A   P      P  N N 36  
A   OP1    O  N N 37  
A   OP2    O  N N 38  
A   "O5'"  O  N N 39  
A   "C5'"  C  N N 40  
A   "C4'"  C  N R 41  
A   "O4'"  O  N N 42  
A   "C3'"  C  N S 43  
A   "O3'"  O  N N 44  
A   "C2'"  C  N R 45  
A   "O2'"  O  N N 46  
A   "C1'"  C  N R 47  
A   N9     N  Y N 48  
A   C8     C  Y N 49  
A   N7     N  Y N 50  
A   C5     C  Y N 51  
A   C6     C  Y N 52  
A   N6     N  N N 53  
A   N1     N  Y N 54  
A   C2     C  Y N 55  
A   N3     N  Y N 56  
A   C4     C  Y N 57  
A   HOP3   H  N N 58  
A   HOP2   H  N N 59  
A   "H5'"  H  N N 60  
A   "H5''" H  N N 61  
A   "H4'"  H  N N 62  
A   "H3'"  H  N N 63  
A   "HO3'" H  N N 64  
A   "H2'"  H  N N 65  
A   "HO2'" H  N N 66  
A   "H1'"  H  N N 67  
A   H8     H  N N 68  
A   H61    H  N N 69  
A   H62    H  N N 70  
A   H2     H  N N 71  
G   OP3    O  N N 72  
G   P      P  N N 73  
G   OP1    O  N N 74  
G   OP2    O  N N 75  
G   "O5'"  O  N N 76  
G   "C5'"  C  N N 77  
G   "C4'"  C  N R 78  
G   "O4'"  O  N N 79  
G   "C3'"  C  N S 80  
G   "O3'"  O  N N 81  
G   "C2'"  C  N R 82  
G   "O2'"  O  N N 83  
G   "C1'"  C  N R 84  
G   N9     N  Y N 85  
G   C8     C  Y N 86  
G   N7     N  Y N 87  
G   C5     C  Y N 88  
G   C6     C  N N 89  
G   O6     O  N N 90  
G   N1     N  N N 91  
G   C2     C  N N 92  
G   N2     N  N N 93  
G   N3     N  N N 94  
G   C4     C  Y N 95  
G   HOP3   H  N N 96  
G   HOP2   H  N N 97  
G   "H5'"  H  N N 98  
G   "H5''" H  N N 99  
G   "H4'"  H  N N 100 
G   "H3'"  H  N N 101 
G   "HO3'" H  N N 102 
G   "H2'"  H  N N 103 
G   "HO2'" H  N N 104 
G   "H1'"  H  N N 105 
G   H8     H  N N 106 
G   H1     H  N N 107 
G   H21    H  N N 108 
G   H22    H  N N 109 
HOH O      O  N N 110 
HOH H1     H  N N 111 
HOH H2     H  N N 112 
K   K      K  N N 113 
U   OP3    O  N N 114 
U   P      P  N N 115 
U   OP1    O  N N 116 
U   OP2    O  N N 117 
U   "O5'"  O  N N 118 
U   "C5'"  C  N N 119 
U   "C4'"  C  N R 120 
U   "O4'"  O  N N 121 
U   "C3'"  C  N S 122 
U   "O3'"  O  N N 123 
U   "C2'"  C  N R 124 
U   "O2'"  O  N N 125 
U   "C1'"  C  N R 126 
U   N1     N  N N 127 
U   C2     C  N N 128 
U   O2     O  N N 129 
U   N3     N  N N 130 
U   C4     C  N N 131 
U   O4     O  N N 132 
U   C5     C  N N 133 
U   C6     C  N N 134 
U   HOP3   H  N N 135 
U   HOP2   H  N N 136 
U   "H5'"  H  N N 137 
U   "H5''" H  N N 138 
U   "H4'"  H  N N 139 
U   "H3'"  H  N N 140 
U   "HO3'" H  N N 141 
U   "H2'"  H  N N 142 
U   "HO2'" H  N N 143 
U   "H1'"  H  N N 144 
U   H3     H  N N 145 
U   H5     H  N N 146 
U   H6     H  N N 147 
# 
loop_
_chem_comp_bond.comp_id 
_chem_comp_bond.atom_id_1 
_chem_comp_bond.atom_id_2 
_chem_comp_bond.value_order 
_chem_comp_bond.pdbx_aromatic_flag 
_chem_comp_bond.pdbx_stereo_config 
_chem_comp_bond.pdbx_ordinal 
5BU P     OP1    doub N N 1   
5BU P     OP2    sing N N 2   
5BU P     OP3    sing N N 3   
5BU P     "O5'"  sing N N 4   
5BU OP2   HOP2   sing N N 5   
5BU OP3   HOP3   sing N N 6   
5BU "O5'" "C5'"  sing N N 7   
5BU "C5'" "C4'"  sing N N 8   
5BU "C5'" "H5'"  sing N N 9   
5BU "C5'" "H5''" sing N N 10  
5BU "C4'" "O4'"  sing N N 11  
5BU "C4'" "C3'"  sing N N 12  
5BU "C4'" "H4'"  sing N N 13  
5BU "O4'" "C1'"  sing N N 14  
5BU "C3'" "O3'"  sing N N 15  
5BU "C3'" "C2'"  sing N N 16  
5BU "C3'" "H3'"  sing N N 17  
5BU "O3'" "HO3'" sing N N 18  
5BU "C2'" "O2'"  sing N N 19  
5BU "C2'" "C1'"  sing N N 20  
5BU "C2'" "H2'"  sing N N 21  
5BU "O2'" "HO2'" sing N N 22  
5BU "C1'" N1     sing N N 23  
5BU "C1'" "H1'"  sing N N 24  
5BU N1    C2     sing N N 25  
5BU N1    C6     sing N N 26  
5BU C2    O2     doub N N 27  
5BU C2    N3     sing N N 28  
5BU N3    C4     sing N N 29  
5BU N3    H3     sing N N 30  
5BU C4    O4     doub N N 31  
5BU C4    C5     sing N N 32  
5BU C5    C6     doub N N 33  
5BU C5    BR     sing N N 34  
5BU C6    H6     sing N N 35  
A   OP3   P      sing N N 36  
A   OP3   HOP3   sing N N 37  
A   P     OP1    doub N N 38  
A   P     OP2    sing N N 39  
A   P     "O5'"  sing N N 40  
A   OP2   HOP2   sing N N 41  
A   "O5'" "C5'"  sing N N 42  
A   "C5'" "C4'"  sing N N 43  
A   "C5'" "H5'"  sing N N 44  
A   "C5'" "H5''" sing N N 45  
A   "C4'" "O4'"  sing N N 46  
A   "C4'" "C3'"  sing N N 47  
A   "C4'" "H4'"  sing N N 48  
A   "O4'" "C1'"  sing N N 49  
A   "C3'" "O3'"  sing N N 50  
A   "C3'" "C2'"  sing N N 51  
A   "C3'" "H3'"  sing N N 52  
A   "O3'" "HO3'" sing N N 53  
A   "C2'" "O2'"  sing N N 54  
A   "C2'" "C1'"  sing N N 55  
A   "C2'" "H2'"  sing N N 56  
A   "O2'" "HO2'" sing N N 57  
A   "C1'" N9     sing N N 58  
A   "C1'" "H1'"  sing N N 59  
A   N9    C8     sing Y N 60  
A   N9    C4     sing Y N 61  
A   C8    N7     doub Y N 62  
A   C8    H8     sing N N 63  
A   N7    C5     sing Y N 64  
A   C5    C6     sing Y N 65  
A   C5    C4     doub Y N 66  
A   C6    N6     sing N N 67  
A   C6    N1     doub Y N 68  
A   N6    H61    sing N N 69  
A   N6    H62    sing N N 70  
A   N1    C2     sing Y N 71  
A   C2    N3     doub Y N 72  
A   C2    H2     sing N N 73  
A   N3    C4     sing Y N 74  
G   OP3   P      sing N N 75  
G   OP3   HOP3   sing N N 76  
G   P     OP1    doub N N 77  
G   P     OP2    sing N N 78  
G   P     "O5'"  sing N N 79  
G   OP2   HOP2   sing N N 80  
G   "O5'" "C5'"  sing N N 81  
G   "C5'" "C4'"  sing N N 82  
G   "C5'" "H5'"  sing N N 83  
G   "C5'" "H5''" sing N N 84  
G   "C4'" "O4'"  sing N N 85  
G   "C4'" "C3'"  sing N N 86  
G   "C4'" "H4'"  sing N N 87  
G   "O4'" "C1'"  sing N N 88  
G   "C3'" "O3'"  sing N N 89  
G   "C3'" "C2'"  sing N N 90  
G   "C3'" "H3'"  sing N N 91  
G   "O3'" "HO3'" sing N N 92  
G   "C2'" "O2'"  sing N N 93  
G   "C2'" "C1'"  sing N N 94  
G   "C2'" "H2'"  sing N N 95  
G   "O2'" "HO2'" sing N N 96  
G   "C1'" N9     sing N N 97  
G   "C1'" "H1'"  sing N N 98  
G   N9    C8     sing Y N 99  
G   N9    C4     sing Y N 100 
G   C8    N7     doub Y N 101 
G   C8    H8     sing N N 102 
G   N7    C5     sing Y N 103 
G   C5    C6     sing N N 104 
G   C5    C4     doub Y N 105 
G   C6    O6     doub N N 106 
G   C6    N1     sing N N 107 
G   N1    C2     sing N N 108 
G   N1    H1     sing N N 109 
G   C2    N2     sing N N 110 
G   C2    N3     doub N N 111 
G   N2    H21    sing N N 112 
G   N2    H22    sing N N 113 
G   N3    C4     sing N N 114 
HOH O     H1     sing N N 115 
HOH O     H2     sing N N 116 
U   OP3   P      sing N N 117 
U   OP3   HOP3   sing N N 118 
U   P     OP1    doub N N 119 
U   P     OP2    sing N N 120 
U   P     "O5'"  sing N N 121 
U   OP2   HOP2   sing N N 122 
U   "O5'" "C5'"  sing N N 123 
U   "C5'" "C4'"  sing N N 124 
U   "C5'" "H5'"  sing N N 125 
U   "C5'" "H5''" sing N N 126 
U   "C4'" "O4'"  sing N N 127 
U   "C4'" "C3'"  sing N N 128 
U   "C4'" "H4'"  sing N N 129 
U   "O4'" "C1'"  sing N N 130 
U   "C3'" "O3'"  sing N N 131 
U   "C3'" "C2'"  sing N N 132 
U   "C3'" "H3'"  sing N N 133 
U   "O3'" "HO3'" sing N N 134 
U   "C2'" "O2'"  sing N N 135 
U   "C2'" "C1'"  sing N N 136 
U   "C2'" "H2'"  sing N N 137 
U   "O2'" "HO2'" sing N N 138 
U   "C1'" N1     sing N N 139 
U   "C1'" "H1'"  sing N N 140 
U   N1    C2     sing N N 141 
U   N1    C6     sing N N 142 
U   C2    O2     doub N N 143 
U   C2    N3     sing N N 144 
U   N3    C4     sing N N 145 
U   N3    H3     sing N N 146 
U   C4    O4     doub N N 147 
U   C4    C5     sing N N 148 
U   C5    C6     doub N N 149 
U   C5    H5     sing N N 150 
U   C6    H6     sing N N 151 
# 
loop_
_ndb_struct_conf_na.entry_id 
_ndb_struct_conf_na.feature 
3IBK 'double helix'    
3IBK 'quadruple helix' 
# 
loop_
_ndb_struct_na_base_pair.model_number 
_ndb_struct_na_base_pair.i_label_asym_id 
_ndb_struct_na_base_pair.i_label_comp_id 
_ndb_struct_na_base_pair.i_label_seq_id 
_ndb_struct_na_base_pair.i_symmetry 
_ndb_struct_na_base_pair.j_label_asym_id 
_ndb_struct_na_base_pair.j_label_comp_id 
_ndb_struct_na_base_pair.j_label_seq_id 
_ndb_struct_na_base_pair.j_symmetry 
_ndb_struct_na_base_pair.shear 
_ndb_struct_na_base_pair.stretch 
_ndb_struct_na_base_pair.stagger 
_ndb_struct_na_base_pair.buckle 
_ndb_struct_na_base_pair.propeller 
_ndb_struct_na_base_pair.opening 
_ndb_struct_na_base_pair.pair_number 
_ndb_struct_na_base_pair.pair_name 
_ndb_struct_na_base_pair.i_auth_asym_id 
_ndb_struct_na_base_pair.i_auth_seq_id 
_ndb_struct_na_base_pair.i_PDB_ins_code 
_ndb_struct_na_base_pair.j_auth_asym_id 
_ndb_struct_na_base_pair.j_auth_seq_id 
_ndb_struct_na_base_pair.j_PDB_ins_code 
_ndb_struct_na_base_pair.hbond_type_28 
_ndb_struct_na_base_pair.hbond_type_12 
1 A G 3  1_555 A G 9  1_555 1.735  3.402  -0.118 2.638  -8.765  -90.401 1 A_G3:G9_A   A 3  ? A 9  ? 6 ? 
1 A G 4  1_555 A G 10 1_555 1.485  3.441  0.109  -2.612 -1.950  -89.204 2 A_G4:G10_A  A 4  ? A 10 ? 6 ? 
1 A G 5  1_555 A G 11 1_555 1.502  3.473  -0.240 9.660  -15.516 -92.457 3 A_G5:G11_A  A 5  ? A 11 ? 6 ? 
1 B G 11 1_555 B G 5  1_555 -1.581 -3.319 0.138  -9.810 6.525   91.450  4 B_G23:G17_B B 23 ? B 17 ? 6 ? 
1 B G 10 1_555 B G 4  1_555 -1.597 -3.226 0.129  2.795  -5.406  91.010  5 B_G22:G16_B B 22 ? B 16 ? 6 ? 
# 
loop_
_ndb_struct_na_base_pair_step.model_number 
_ndb_struct_na_base_pair_step.i_label_asym_id_1 
_ndb_struct_na_base_pair_step.i_label_comp_id_1 
_ndb_struct_na_base_pair_step.i_label_seq_id_1 
_ndb_struct_na_base_pair_step.i_symmetry_1 
_ndb_struct_na_base_pair_step.j_label_asym_id_1 
_ndb_struct_na_base_pair_step.j_label_comp_id_1 
_ndb_struct_na_base_pair_step.j_label_seq_id_1 
_ndb_struct_na_base_pair_step.j_symmetry_1 
_ndb_struct_na_base_pair_step.i_label_asym_id_2 
_ndb_struct_na_base_pair_step.i_label_comp_id_2 
_ndb_struct_na_base_pair_step.i_label_seq_id_2 
_ndb_struct_na_base_pair_step.i_symmetry_2 
_ndb_struct_na_base_pair_step.j_label_asym_id_2 
_ndb_struct_na_base_pair_step.j_label_comp_id_2 
_ndb_struct_na_base_pair_step.j_label_seq_id_2 
_ndb_struct_na_base_pair_step.j_symmetry_2 
_ndb_struct_na_base_pair_step.shift 
_ndb_struct_na_base_pair_step.slide 
_ndb_struct_na_base_pair_step.rise 
_ndb_struct_na_base_pair_step.tilt 
_ndb_struct_na_base_pair_step.roll 
_ndb_struct_na_base_pair_step.twist 
_ndb_struct_na_base_pair_step.x_displacement 
_ndb_struct_na_base_pair_step.y_displacement 
_ndb_struct_na_base_pair_step.helical_rise 
_ndb_struct_na_base_pair_step.inclination 
_ndb_struct_na_base_pair_step.tip 
_ndb_struct_na_base_pair_step.helical_twist 
_ndb_struct_na_base_pair_step.step_number 
_ndb_struct_na_base_pair_step.step_name 
_ndb_struct_na_base_pair_step.i_auth_asym_id_1 
_ndb_struct_na_base_pair_step.i_auth_seq_id_1 
_ndb_struct_na_base_pair_step.i_PDB_ins_code_1 
_ndb_struct_na_base_pair_step.j_auth_asym_id_1 
_ndb_struct_na_base_pair_step.j_auth_seq_id_1 
_ndb_struct_na_base_pair_step.j_PDB_ins_code_1 
_ndb_struct_na_base_pair_step.i_auth_asym_id_2 
_ndb_struct_na_base_pair_step.i_auth_seq_id_2 
_ndb_struct_na_base_pair_step.i_PDB_ins_code_2 
_ndb_struct_na_base_pair_step.j_auth_asym_id_2 
_ndb_struct_na_base_pair_step.j_auth_seq_id_2 
_ndb_struct_na_base_pair_step.j_PDB_ins_code_2 
1 A G 3  1_555 A G 9  1_555 A G 4  1_555 A G 10 1_555 -0.689 -0.942 3.499  -4.466 -1.437 33.019   -1.382 0.392 3.596  -2.512 7.809 
33.341   1 AA_G3G4:G10G9_AA    A 3  ? A 9  ? A 4  ? A 10 ? 
1 A G 4  1_555 A G 10 1_555 A G 5  1_555 A G 11 1_555 -0.605 -0.522 2.964  5.431  7.303  25.074   -2.787 2.544 2.529  16.157 
-12.015 26.650   2 AA_G4G5:G11G10_AA   A 4  ? A 10 ? A 5  ? A 11 ? 
1 A G 5  1_555 A G 11 1_555 B G 11 1_555 B G 5  1_555 1.794  3.480  0.416  8.026  -8.483 -179.000 -1.740 0.897 0.418  4.242  4.013 
-179.006 3 AB_G5G23:G17G11_BA  A 5  ? A 11 ? B 23 ? B 17 ? 
1 B G 11 1_555 B G 5  1_555 B G 10 1_555 B G 4  1_555 0.348  0.666  -3.100 -3.483 -5.835 -24.827  -3.000 1.679 -2.798 13.258 
-7.913  -25.726  4 BB_G23G22:G16G17_BB B 23 ? B 17 ? B 22 ? B 16 ? 
# 
loop_
_pdbx_entity_nonpoly.entity_id 
_pdbx_entity_nonpoly.name 
_pdbx_entity_nonpoly.comp_id 
2 'POTASSIUM ION' K   
3 water           HOH 
# 
_pdbx_initial_refinement_model.id               1 
_pdbx_initial_refinement_model.entity_id_list   ? 
_pdbx_initial_refinement_model.type             'experimental model' 
_pdbx_initial_refinement_model.source_name      PDB 
_pdbx_initial_refinement_model.accession_code   1K8P 
_pdbx_initial_refinement_model.details          'PDB entry 1K8P' 
# 
